data_1KL2
#
_entry.id   1KL2
#
_cell.length_a   57.419
_cell.length_b   104.609
_cell.length_c   62.489
_cell.angle_alpha   90.00
_cell.angle_beta   91.43
_cell.angle_gamma   90.00
#
_symmetry.space_group_name_H-M   'P 1 21 1'
#
loop_
_entity.id
_entity.type
_entity.pdbx_description
1 polymer 'Serine Hydroxymethyltransferase'
2 non-polymer "PYRIDOXAL-5'-PHOSPHATE"
3 non-polymer GLYCINE
4 non-polymer 'N-{[4-({[(6R)-2-amino-5-formyl-4-oxo-1,4,5,6,7,8-hexahydropteridin-6-yl]methyl}amino)phenyl]carbonyl}-L-glutamic acid'
5 water water
#
_entity_poly.entity_id   1
_entity_poly.type   'polypeptide(L)'
_entity_poly.pdbx_seq_one_letter_code
;MKYLPQQDPQVFAAIEQERKRQHAKIELIASENFVSRAVMEAQGSVLTNKYAEGYPGRRYYGGCEYVDIVEELARERAKQ
LFGAEHANVQPHSGAQANMAVYFTVLEHGDTVLGMNLSHGGHLTHGSPVNFSGVQYNFVAYGVDPETHVIDYDDVREKAR
LHRPKLIVAAASAYPRIIDFAKFREIADEVGAYLMVDMAHIAGLVAAGLHPNPVPYAHFVTTTTHKTLRGPRGGMILCQE
QFAKQIDKAIFPGIQGGPLMHVIAAKAVAFGEALQDDFKAYAKRVVDNAKRLASALQNEGFTLVSGGTDNHLLLVDLRPQ
QLTGKTAEKVLDEVGITVNKNTIPYDPESPFVTSGIRIGTAAVTTRGFGLEEMDEIAAIIGLVLKNVGSEQALEEARQRV
AALTDPTSRSAAGTMEFEA
;
_entity_poly.pdbx_strand_id   A,B
#
loop_
_chem_comp.id
_chem_comp.type
_chem_comp.name
_chem_comp.formula
FON non-polymer 'N-{[4-({[(6R)-2-amino-5-formyl-4-oxo-1,4,5,6,7,8-hexahydropteridin-6-yl]methyl}amino)phenyl]carbonyl}-L-glutamic acid' 'C20 H23 N7 O7'
PLP non-polymer PYRIDOXAL-5'-PHOSPHATE 'C8 H10 N O6 P'
#
# COMPACT_ATOMS: atom_id res chain seq x y z
N MET A 1 -21.48 11.46 -5.59
CA MET A 1 -20.44 12.26 -4.89
C MET A 1 -20.95 13.63 -4.46
N LYS A 2 -20.72 13.99 -3.20
CA LYS A 2 -21.17 15.31 -2.76
C LYS A 2 -20.07 16.31 -2.52
N TYR A 3 -19.18 16.09 -1.57
CA TYR A 3 -18.18 17.11 -1.25
C TYR A 3 -17.06 17.22 -2.24
N LEU A 4 -16.74 16.18 -3.02
CA LEU A 4 -15.67 16.23 -4.01
C LEU A 4 -15.86 17.20 -5.15
N PRO A 5 -16.99 17.17 -5.82
CA PRO A 5 -17.27 18.04 -6.97
C PRO A 5 -17.16 19.50 -6.62
N GLN A 6 -17.58 19.87 -5.42
CA GLN A 6 -17.52 21.22 -4.92
C GLN A 6 -16.12 21.67 -4.50
N GLN A 7 -15.26 20.77 -4.05
CA GLN A 7 -13.97 21.23 -3.54
C GLN A 7 -12.84 21.07 -4.53
N ASP A 8 -12.96 20.04 -5.35
CA ASP A 8 -11.92 19.73 -6.33
C ASP A 8 -12.57 19.36 -7.66
N PRO A 9 -12.99 20.36 -8.41
CA PRO A 9 -13.59 20.12 -9.72
C PRO A 9 -12.57 19.47 -10.64
N GLN A 10 -11.28 19.77 -10.49
CA GLN A 10 -10.26 19.12 -11.30
C GLN A 10 -10.22 17.62 -11.02
N VAL A 11 -10.16 17.23 -9.75
CA VAL A 11 -10.03 15.79 -9.45
C VAL A 11 -11.32 15.10 -9.79
N PHE A 12 -12.43 15.79 -9.54
CA PHE A 12 -13.75 15.23 -9.79
C PHE A 12 -13.99 14.97 -11.27
N ALA A 13 -13.43 15.86 -12.09
CA ALA A 13 -13.57 15.76 -13.53
C ALA A 13 -12.82 14.53 -14.07
N ALA A 14 -11.66 14.30 -13.48
CA ALA A 14 -10.83 13.16 -13.83
C ALA A 14 -11.52 11.85 -13.44
N ILE A 15 -12.10 11.80 -12.26
CA ILE A 15 -12.76 10.59 -11.76
C ILE A 15 -14.03 10.28 -12.52
N GLU A 16 -14.74 11.32 -12.94
CA GLU A 16 -15.96 11.17 -13.73
C GLU A 16 -15.58 10.69 -15.14
N GLN A 17 -14.50 11.26 -15.63
CA GLN A 17 -13.99 10.81 -16.94
C GLN A 17 -13.68 9.32 -16.83
N GLU A 18 -12.91 8.92 -15.82
CA GLU A 18 -12.63 7.52 -15.57
C GLU A 18 -13.85 6.65 -15.31
N ARG A 19 -14.85 7.13 -14.57
CA ARG A 19 -16.06 6.37 -14.32
C ARG A 19 -16.86 6.12 -15.60
N LYS A 20 -16.72 7.01 -16.58
CA LYS A 20 -17.40 6.84 -17.86
C LYS A 20 -16.62 5.93 -18.79
N ARG A 21 -15.29 6.09 -18.83
CA ARG A 21 -14.42 5.25 -19.63
C ARG A 21 -14.58 3.78 -19.27
N GLN A 22 -14.71 3.48 -17.99
CA GLN A 22 -14.90 2.14 -17.49
C GLN A 22 -16.16 1.49 -18.03
N HIS A 23 -17.16 2.30 -18.37
CA HIS A 23 -18.41 1.78 -18.89
C HIS A 23 -18.38 1.78 -20.42
N ALA A 24 -17.67 2.72 -20.99
CA ALA A 24 -17.59 2.88 -22.44
C ALA A 24 -16.75 1.82 -23.13
N LYS A 25 -15.56 1.53 -22.60
CA LYS A 25 -14.68 0.54 -23.20
C LYS A 25 -15.12 -0.88 -22.83
N ILE A 26 -14.56 -1.82 -23.58
CA ILE A 26 -14.75 -3.23 -23.23
C ILE A 26 -13.39 -3.66 -22.67
N GLU A 27 -13.42 -3.85 -21.35
CA GLU A 27 -12.26 -4.09 -20.54
C GLU A 27 -11.80 -5.51 -20.49
N LEU A 28 -10.73 -5.82 -21.23
CA LEU A 28 -10.25 -7.19 -21.29
C LEU A 28 -8.90 -7.39 -20.63
N ILE A 29 -8.47 -6.45 -19.80
CA ILE A 29 -7.19 -6.65 -19.09
C ILE A 29 -7.41 -7.80 -18.10
N ALA A 30 -6.59 -8.84 -18.07
CA ALA A 30 -6.88 -9.98 -17.21
C ALA A 30 -6.77 -9.71 -15.72
N SER A 31 -6.02 -8.71 -15.30
CA SER A 31 -5.79 -8.33 -13.94
C SER A 31 -6.98 -7.61 -13.29
N GLU A 32 -7.84 -7.09 -14.17
CA GLU A 32 -8.86 -6.15 -13.76
C GLU A 32 -10.21 -6.72 -13.45
N ASN A 33 -11.01 -5.85 -12.85
CA ASN A 33 -12.36 -6.20 -12.45
C ASN A 33 -13.07 -4.94 -11.98
N PHE A 34 -14.27 -5.07 -11.45
CA PHE A 34 -15.06 -3.93 -10.99
C PHE A 34 -15.63 -4.34 -9.63
N VAL A 35 -15.32 -3.56 -8.60
CA VAL A 35 -15.82 -3.92 -7.26
C VAL A 35 -17.22 -3.37 -7.04
N SER A 36 -17.91 -3.97 -6.08
CA SER A 36 -19.22 -3.49 -5.69
C SER A 36 -19.11 -2.15 -4.95
N ARG A 37 -20.29 -1.53 -4.83
CA ARG A 37 -20.41 -0.28 -4.09
C ARG A 37 -20.18 -0.48 -2.60
N ALA A 38 -20.57 -1.63 -2.07
CA ALA A 38 -20.24 -1.94 -0.68
C ALA A 38 -18.72 -1.86 -0.51
N VAL A 39 -17.95 -2.50 -1.40
CA VAL A 39 -16.49 -2.45 -1.31
C VAL A 39 -15.96 -1.02 -1.38
N MET A 40 -16.48 -0.17 -2.27
CA MET A 40 -16.02 1.21 -2.34
C MET A 40 -16.38 2.01 -1.10
N GLU A 41 -17.57 1.77 -0.56
CA GLU A 41 -18.01 2.48 0.65
C GLU A 41 -17.10 2.19 1.82
N ALA A 42 -16.64 0.93 1.94
CA ALA A 42 -15.70 0.57 2.98
C ALA A 42 -14.36 1.26 2.80
N GLN A 43 -13.78 1.33 1.59
CA GLN A 43 -12.49 2.02 1.48
C GLN A 43 -12.64 3.54 1.46
N GLY A 44 -13.84 4.05 1.23
CA GLY A 44 -14.07 5.49 1.33
C GLY A 44 -14.46 5.84 2.77
N SER A 45 -14.46 4.88 3.69
CA SER A 45 -14.81 5.12 5.08
C SER A 45 -13.70 5.85 5.84
N VAL A 46 -14.03 6.19 7.09
CA VAL A 46 -13.13 6.89 7.99
C VAL A 46 -12.10 5.98 8.64
N LEU A 47 -12.00 4.72 8.27
CA LEU A 47 -10.94 3.86 8.77
C LEU A 47 -9.56 4.31 8.30
N THR A 48 -9.43 5.15 7.28
CA THR A 48 -8.19 5.77 6.86
C THR A 48 -7.55 6.63 7.95
N ASN A 49 -8.35 7.14 8.87
CA ASN A 49 -7.92 7.96 9.98
C ASN A 49 -7.19 7.18 11.07
N LYS A 50 -7.31 5.86 11.17
CA LYS A 50 -6.71 5.12 12.28
C LYS A 50 -5.33 4.52 12.10
N TYR A 51 -4.38 4.81 13.02
CA TYR A 51 -3.09 4.11 13.02
C TYR A 51 -3.25 2.79 13.80
N ALA A 52 -2.98 1.65 13.19
CA ALA A 52 -3.21 0.37 13.85
C ALA A 52 -2.08 -0.63 13.65
N GLU A 53 -0.85 -0.13 13.85
CA GLU A 53 0.33 -0.95 13.76
C GLU A 53 0.22 -2.11 14.73
N GLY A 54 0.61 -3.31 14.29
CA GLY A 54 0.47 -4.48 15.16
C GLY A 54 -0.70 -5.31 14.63
N TYR A 55 -1.29 -6.16 15.48
CA TYR A 55 -2.37 -7.04 15.09
C TYR A 55 -3.49 -6.95 16.11
N PRO A 56 -4.67 -7.45 15.76
CA PRO A 56 -5.82 -7.42 16.65
C PRO A 56 -5.50 -8.02 18.01
N GLY A 57 -5.65 -7.18 19.05
CA GLY A 57 -5.36 -7.50 20.41
C GLY A 57 -3.91 -7.24 20.80
N ARG A 58 -3.03 -6.92 19.84
CA ARG A 58 -1.63 -6.70 20.09
C ARG A 58 -1.13 -5.50 19.26
N ARG A 59 -1.80 -4.38 19.44
CA ARG A 59 -1.48 -3.18 18.68
C ARG A 59 -0.48 -2.30 19.41
N TYR A 60 0.12 -1.36 18.70
CA TYR A 60 1.00 -0.38 19.28
C TYR A 60 0.31 0.96 19.51
N TYR A 61 -1.02 1.02 19.44
CA TYR A 61 -1.76 2.26 19.57
C TYR A 61 -3.07 2.03 20.32
N GLY A 62 -3.59 3.10 20.89
CA GLY A 62 -4.88 3.04 21.56
C GLY A 62 -6.03 3.13 20.55
N GLY A 63 -7.23 2.84 21.00
CA GLY A 63 -8.43 2.96 20.25
C GLY A 63 -8.64 2.05 19.08
N CYS A 64 -7.94 0.92 19.01
CA CYS A 64 -8.06 -0.01 17.90
C CYS A 64 -9.12 -1.08 18.12
N GLU A 65 -9.97 -0.84 19.10
CA GLU A 65 -11.08 -1.67 19.49
C GLU A 65 -11.96 -2.04 18.31
N TYR A 66 -12.48 -1.08 17.56
CA TYR A 66 -13.38 -1.38 16.45
C TYR A 66 -12.62 -1.74 15.19
N VAL A 67 -11.43 -1.18 14.96
CA VAL A 67 -10.66 -1.61 13.79
C VAL A 67 -10.15 -3.04 13.93
N ASP A 68 -10.05 -3.59 15.13
CA ASP A 68 -9.68 -4.98 15.31
C ASP A 68 -10.81 -5.90 14.84
N ILE A 69 -12.06 -5.47 14.96
CA ILE A 69 -13.19 -6.31 14.51
C ILE A 69 -13.06 -6.57 13.00
N VAL A 70 -12.95 -5.48 12.25
CA VAL A 70 -12.76 -5.50 10.81
C VAL A 70 -11.60 -6.39 10.42
N GLU A 71 -10.43 -6.32 11.07
CA GLU A 71 -9.33 -7.19 10.64
C GLU A 71 -9.61 -8.68 10.88
N GLU A 72 -10.23 -9.03 11.98
CA GLU A 72 -10.60 -10.40 12.32
C GLU A 72 -11.62 -10.98 11.35
N LEU A 73 -12.59 -10.17 10.96
CA LEU A 73 -13.57 -10.57 9.94
C LEU A 73 -12.84 -10.91 8.64
N ALA A 74 -11.94 -10.02 8.22
CA ALA A 74 -11.14 -10.24 7.02
C ALA A 74 -10.36 -11.54 7.16
N ARG A 75 -9.67 -11.71 8.29
CA ARG A 75 -8.91 -12.93 8.51
C ARG A 75 -9.75 -14.18 8.56
N GLU A 76 -10.85 -14.19 9.31
CA GLU A 76 -11.70 -15.38 9.43
C GLU A 76 -12.58 -15.60 8.22
N ARG A 77 -12.76 -14.64 7.34
CA ARG A 77 -13.54 -14.92 6.11
C ARG A 77 -12.55 -15.48 5.08
N ALA A 78 -11.30 -14.99 5.17
CA ALA A 78 -10.22 -15.45 4.32
C ALA A 78 -9.90 -16.91 4.59
N LYS A 79 -9.82 -17.25 5.88
CA LYS A 79 -9.57 -18.64 6.28
C LYS A 79 -10.72 -19.54 5.90
N GLN A 80 -11.94 -19.02 5.94
CA GLN A 80 -13.14 -19.74 5.54
C GLN A 80 -13.13 -20.02 4.04
N LEU A 81 -12.68 -19.02 3.28
CA LEU A 81 -12.66 -19.07 1.83
C LEU A 81 -11.60 -19.99 1.27
N PHE A 82 -10.35 -19.92 1.74
CA PHE A 82 -9.30 -20.75 1.16
C PHE A 82 -8.96 -21.95 2.02
N GLY A 83 -9.37 -21.89 3.28
CA GLY A 83 -9.17 -23.01 4.19
C GLY A 83 -7.73 -23.13 4.64
N ALA A 84 -7.08 -21.98 4.77
CA ALA A 84 -5.70 -21.91 5.21
C ALA A 84 -5.73 -21.86 6.74
N GLU A 85 -4.57 -22.06 7.35
CA GLU A 85 -4.51 -22.06 8.81
C GLU A 85 -4.46 -20.65 9.34
N HIS A 86 -3.65 -19.85 8.67
CA HIS A 86 -3.45 -18.47 9.07
C HIS A 86 -3.56 -17.51 7.90
N ALA A 87 -3.91 -16.26 8.22
CA ALA A 87 -4.02 -15.26 7.20
C ALA A 87 -3.48 -13.92 7.66
N ASN A 88 -2.75 -13.31 6.72
CA ASN A 88 -2.30 -11.94 6.91
C ASN A 88 -2.99 -11.05 5.86
N VAL A 89 -3.89 -10.18 6.32
CA VAL A 89 -4.65 -9.30 5.45
C VAL A 89 -4.13 -7.86 5.40
N GLN A 90 -2.94 -7.61 5.92
CA GLN A 90 -2.30 -6.33 5.91
C GLN A 90 -1.41 -5.98 4.73
N PRO A 91 -0.81 -6.94 4.05
CA PRO A 91 0.01 -6.63 2.88
C PRO A 91 -0.70 -5.59 2.00
N HIS A 92 -0.06 -4.49 1.67
CA HIS A 92 -0.65 -3.43 0.87
C HIS A 92 -0.82 -3.75 -0.62
N SER A 93 0.01 -4.61 -1.14
CA SER A 93 0.16 -5.00 -2.52
C SER A 93 0.27 -6.52 -2.65
N GLY A 94 0.32 -7.01 -3.87
CA GLY A 94 0.66 -8.41 -4.08
C GLY A 94 2.19 -8.47 -3.92
N ALA A 95 2.85 -7.42 -4.39
CA ALA A 95 4.28 -7.21 -4.25
C ALA A 95 4.73 -7.18 -2.79
N GLN A 96 3.99 -6.48 -1.91
CA GLN A 96 4.41 -6.46 -0.50
C GLN A 96 4.15 -7.83 0.11
N ALA A 97 3.07 -8.47 -0.31
CA ALA A 97 2.82 -9.85 0.08
C ALA A 97 3.99 -10.76 -0.32
N ASN A 98 4.48 -10.68 -1.55
CA ASN A 98 5.56 -11.55 -1.98
C ASN A 98 6.81 -11.21 -1.19
N MET A 99 7.11 -9.92 -1.14
CA MET A 99 8.26 -9.40 -0.42
C MET A 99 8.30 -9.89 1.02
N ALA A 100 7.16 -9.88 1.72
CA ALA A 100 7.13 -10.35 3.09
C ALA A 100 7.48 -11.83 3.19
N VAL A 101 6.94 -12.68 2.32
CA VAL A 101 7.26 -14.11 2.37
C VAL A 101 8.74 -14.35 2.15
N TYR A 102 9.27 -13.78 1.07
CA TYR A 102 10.69 -13.85 0.75
C TYR A 102 11.53 -13.31 1.92
N PHE A 103 11.06 -12.22 2.53
CA PHE A 103 11.71 -11.66 3.71
C PHE A 103 11.79 -12.70 4.82
N THR A 104 10.72 -13.43 5.05
CA THR A 104 10.63 -14.43 6.10
C THR A 104 11.50 -15.65 5.87
N VAL A 105 11.53 -16.20 4.66
CA VAL A 105 12.28 -17.42 4.44
C VAL A 105 13.65 -17.25 3.85
N LEU A 106 13.95 -16.19 3.12
CA LEU A 106 15.24 -16.12 2.45
C LEU A 106 16.17 -15.09 3.07
N GLU A 107 17.46 -15.29 2.80
CA GLU A 107 18.51 -14.37 3.22
C GLU A 107 18.98 -13.66 1.95
N HIS A 108 19.71 -12.56 2.11
CA HIS A 108 20.17 -11.86 0.89
C HIS A 108 20.95 -12.86 0.05
N GLY A 109 20.71 -12.97 -1.23
CA GLY A 109 21.43 -13.90 -2.07
C GLY A 109 20.96 -15.34 -2.08
N ASP A 110 19.91 -15.74 -1.38
CA ASP A 110 19.51 -17.15 -1.49
C ASP A 110 19.04 -17.42 -2.92
N THR A 111 18.99 -18.70 -3.29
CA THR A 111 18.56 -19.09 -4.62
C THR A 111 17.08 -19.41 -4.59
N VAL A 112 16.35 -18.93 -5.59
CA VAL A 112 14.92 -19.13 -5.69
C VAL A 112 14.57 -19.61 -7.12
N LEU A 113 13.66 -20.57 -7.19
CA LEU A 113 13.22 -21.11 -8.47
C LEU A 113 11.81 -20.56 -8.73
N GLY A 114 11.71 -19.70 -9.74
CA GLY A 114 10.42 -19.09 -10.10
C GLY A 114 10.23 -19.16 -11.60
N MET A 115 8.97 -19.12 -12.01
CA MET A 115 8.61 -19.21 -13.42
C MET A 115 9.26 -18.12 -14.27
N ASN A 116 9.78 -18.60 -15.38
CA ASN A 116 10.38 -17.76 -16.42
C ASN A 116 9.41 -16.62 -16.71
N LEU A 117 9.88 -15.40 -16.74
CA LEU A 117 9.12 -14.20 -16.93
C LEU A 117 8.37 -14.02 -18.22
N SER A 118 8.96 -14.49 -19.33
CA SER A 118 8.30 -14.37 -20.63
C SER A 118 7.54 -15.65 -20.98
N HIS A 119 7.44 -16.58 -20.04
CA HIS A 119 6.67 -17.79 -20.23
C HIS A 119 5.37 -17.66 -19.42
N GLY A 120 5.37 -16.68 -18.51
CA GLY A 120 4.21 -16.38 -17.69
C GLY A 120 4.47 -15.85 -16.30
N GLY A 121 5.67 -15.95 -15.76
CA GLY A 121 5.98 -15.52 -14.42
C GLY A 121 5.80 -14.02 -14.22
N HIS A 122 5.62 -13.62 -12.96
CA HIS A 122 5.41 -12.22 -12.62
C HIS A 122 6.70 -11.49 -12.26
N LEU A 123 6.67 -10.17 -12.41
CA LEU A 123 7.76 -9.29 -12.04
C LEU A 123 8.44 -9.67 -10.73
N THR A 124 7.66 -9.94 -9.68
CA THR A 124 8.16 -10.28 -8.36
C THR A 124 8.59 -11.74 -8.22
N HIS A 125 8.71 -12.43 -9.35
CA HIS A 125 9.20 -13.80 -9.35
C HIS A 125 10.61 -13.86 -9.93
N GLY A 126 11.42 -12.81 -9.86
CA GLY A 126 12.77 -12.89 -10.33
C GLY A 126 13.24 -11.89 -11.35
N SER A 127 12.41 -10.95 -11.80
CA SER A 127 12.93 -9.95 -12.74
C SER A 127 14.18 -9.35 -12.10
N PRO A 128 15.22 -9.16 -12.90
CA PRO A 128 16.44 -8.54 -12.44
C PRO A 128 16.31 -7.04 -12.23
N VAL A 129 15.16 -6.43 -12.54
CA VAL A 129 14.95 -5.00 -12.38
C VAL A 129 13.92 -4.73 -11.28
N ASN A 130 13.57 -5.80 -10.59
CA ASN A 130 12.65 -5.84 -9.48
C ASN A 130 13.47 -6.18 -8.23
N PHE A 131 13.00 -6.01 -7.01
CA PHE A 131 13.82 -6.29 -5.84
C PHE A 131 14.10 -7.78 -5.71
N SER A 132 13.14 -8.63 -6.09
CA SER A 132 13.33 -10.07 -6.01
C SER A 132 14.59 -10.57 -6.73
N GLY A 133 14.84 -10.04 -7.92
CA GLY A 133 15.96 -10.40 -8.73
C GLY A 133 17.26 -9.66 -8.38
N VAL A 134 17.15 -8.62 -7.59
CA VAL A 134 18.31 -7.85 -7.12
C VAL A 134 18.75 -8.42 -5.78
N GLN A 135 17.77 -8.71 -4.94
CA GLN A 135 17.97 -9.19 -3.58
C GLN A 135 18.40 -10.64 -3.51
N TYR A 136 17.85 -11.45 -4.40
CA TYR A 136 18.01 -12.90 -4.40
C TYR A 136 18.49 -13.42 -5.74
N ASN A 137 18.91 -14.68 -5.73
CA ASN A 137 19.38 -15.31 -6.97
C ASN A 137 18.30 -16.23 -7.49
N PHE A 138 17.57 -15.73 -8.48
CA PHE A 138 16.47 -16.43 -9.10
C PHE A 138 16.94 -17.19 -10.34
N VAL A 139 16.47 -18.42 -10.46
CA VAL A 139 16.71 -19.26 -11.63
C VAL A 139 15.32 -19.57 -12.20
N ALA A 140 15.15 -19.58 -13.50
CA ALA A 140 13.79 -19.78 -14.03
C ALA A 140 13.52 -21.17 -14.58
N TYR A 141 12.24 -21.51 -14.63
CA TYR A 141 11.79 -22.76 -15.25
C TYR A 141 10.74 -22.33 -16.29
N GLY A 142 10.52 -23.12 -17.34
CA GLY A 142 9.60 -22.67 -18.36
C GLY A 142 8.55 -23.64 -18.85
N VAL A 143 7.88 -23.18 -19.93
CA VAL A 143 6.83 -23.93 -20.57
C VAL A 143 7.41 -24.64 -21.79
N ASP A 144 6.72 -25.68 -22.22
CA ASP A 144 7.10 -26.48 -23.39
C ASP A 144 7.07 -25.59 -24.62
N PRO A 145 8.04 -25.76 -25.52
CA PRO A 145 8.16 -24.97 -26.72
C PRO A 145 6.95 -25.00 -27.62
N GLU A 146 6.30 -26.16 -27.76
CA GLU A 146 5.13 -26.24 -28.63
C GLU A 146 3.81 -26.28 -27.88
N THR A 147 3.72 -26.92 -26.72
CA THR A 147 2.45 -26.97 -26.00
C THR A 147 2.25 -25.81 -25.04
N HIS A 148 3.30 -25.07 -24.71
CA HIS A 148 3.28 -23.95 -23.81
C HIS A 148 2.75 -24.25 -22.41
N VAL A 149 2.82 -25.47 -21.96
CA VAL A 149 2.45 -25.97 -20.65
C VAL A 149 3.70 -26.02 -19.78
N ILE A 150 3.60 -25.73 -18.48
CA ILE A 150 4.80 -25.79 -17.62
C ILE A 150 5.47 -27.16 -17.80
N ASP A 151 6.77 -27.14 -17.99
CA ASP A 151 7.46 -28.45 -18.08
C ASP A 151 7.91 -28.85 -16.68
N TYR A 152 7.21 -29.80 -16.09
CA TYR A 152 7.53 -30.32 -14.77
C TYR A 152 8.87 -31.02 -14.72
N ASP A 153 9.31 -31.61 -15.84
CA ASP A 153 10.65 -32.20 -15.88
C ASP A 153 11.68 -31.08 -15.81
N ASP A 154 11.42 -29.96 -16.47
CA ASP A 154 12.28 -28.77 -16.41
C ASP A 154 12.33 -28.21 -14.99
N VAL A 155 11.18 -28.09 -14.32
CA VAL A 155 11.11 -27.61 -12.94
C VAL A 155 11.93 -28.48 -11.98
N ARG A 156 11.88 -29.80 -12.13
CA ARG A 156 12.61 -30.70 -11.25
C ARG A 156 14.11 -30.68 -11.54
N GLU A 157 14.44 -30.49 -12.82
CA GLU A 157 15.82 -30.44 -13.25
C GLU A 157 16.48 -29.15 -12.73
N LYS A 158 15.74 -28.05 -12.84
CA LYS A 158 16.26 -26.79 -12.28
C LYS A 158 16.40 -26.96 -10.76
N ALA A 159 15.34 -27.47 -10.13
CA ALA A 159 15.36 -27.71 -8.69
C ALA A 159 16.60 -28.48 -8.27
N ARG A 160 16.80 -29.68 -8.80
CA ARG A 160 17.94 -30.50 -8.41
C ARG A 160 19.29 -29.92 -8.79
N LEU A 161 19.35 -29.27 -9.95
CA LEU A 161 20.58 -28.60 -10.36
C LEU A 161 20.89 -27.42 -9.46
N HIS A 162 19.97 -26.47 -9.27
CA HIS A 162 20.25 -25.28 -8.49
C HIS A 162 20.00 -25.38 -7.00
N ARG A 163 19.27 -26.39 -6.54
CA ARG A 163 18.98 -26.57 -5.12
C ARG A 163 18.54 -25.27 -4.46
N PRO A 164 17.37 -24.78 -4.87
CA PRO A 164 16.82 -23.52 -4.37
C PRO A 164 16.27 -23.60 -2.98
N LYS A 165 16.36 -22.55 -2.18
CA LYS A 165 15.85 -22.57 -0.81
C LYS A 165 14.33 -22.57 -0.76
N LEU A 166 13.73 -21.98 -1.80
CA LEU A 166 12.29 -21.90 -1.96
C LEU A 166 11.98 -21.97 -3.46
N ILE A 167 10.83 -22.52 -3.77
CA ILE A 167 10.31 -22.62 -5.12
C ILE A 167 8.99 -21.82 -5.18
N VAL A 168 8.91 -20.95 -6.17
CA VAL A 168 7.73 -20.17 -6.43
C VAL A 168 6.98 -20.73 -7.63
N ALA A 169 5.69 -20.95 -7.46
CA ALA A 169 4.84 -21.38 -8.58
C ALA A 169 3.72 -20.34 -8.74
N ALA A 170 3.33 -20.14 -9.97
CA ALA A 170 2.23 -19.33 -10.42
C ALA A 170 2.62 -18.17 -11.31
N ALA A 171 1.62 -17.51 -11.90
CA ALA A 171 1.88 -16.57 -12.97
C ALA A 171 0.90 -15.46 -13.22
N SER A 172 1.40 -14.48 -13.97
CA SER A 172 0.68 -13.34 -14.48
C SER A 172 0.01 -13.67 -15.81
N ALA A 173 0.59 -14.61 -16.58
CA ALA A 173 -0.03 -14.92 -17.87
C ALA A 173 0.07 -16.37 -18.31
N TYR A 174 -0.42 -17.31 -17.51
CA TYR A 174 -0.39 -18.73 -17.92
C TYR A 174 -1.82 -19.22 -17.99
N PRO A 175 -2.31 -19.55 -19.19
CA PRO A 175 -3.70 -19.89 -19.40
C PRO A 175 -4.14 -21.26 -18.96
N ARG A 176 -3.29 -22.03 -18.32
CA ARG A 176 -3.57 -23.39 -17.92
C ARG A 176 -3.44 -23.62 -16.43
N ILE A 177 -4.19 -24.61 -15.94
CA ILE A 177 -4.17 -25.01 -14.54
C ILE A 177 -2.76 -25.38 -14.09
N ILE A 178 -2.38 -24.89 -12.91
CA ILE A 178 -1.06 -25.18 -12.37
C ILE A 178 -1.18 -26.33 -11.38
N ASP A 179 -0.33 -27.33 -11.52
CA ASP A 179 -0.31 -28.52 -10.71
C ASP A 179 0.53 -28.29 -9.45
N PHE A 180 -0.16 -27.85 -8.40
CA PHE A 180 0.50 -27.59 -7.13
C PHE A 180 1.11 -28.82 -6.51
N ALA A 181 0.45 -29.96 -6.59
CA ALA A 181 0.97 -31.23 -6.08
C ALA A 181 2.33 -31.56 -6.66
N LYS A 182 2.54 -31.44 -7.98
CA LYS A 182 3.88 -31.70 -8.51
C LYS A 182 4.87 -30.69 -7.93
N PHE A 183 4.48 -29.43 -7.85
CA PHE A 183 5.33 -28.42 -7.23
C PHE A 183 5.69 -28.84 -5.82
N ARG A 184 4.70 -29.29 -5.06
CA ARG A 184 4.99 -29.74 -3.70
C ARG A 184 5.99 -30.88 -3.70
N GLU A 185 5.80 -31.89 -4.53
CA GLU A 185 6.68 -33.04 -4.66
C GLU A 185 8.13 -32.68 -5.00
N ILE A 186 8.30 -31.83 -6.02
CA ILE A 186 9.64 -31.42 -6.42
C ILE A 186 10.33 -30.72 -5.26
N ALA A 187 9.62 -29.78 -4.62
CA ALA A 187 10.16 -29.07 -3.47
C ALA A 187 10.54 -30.03 -2.34
N ASP A 188 9.73 -31.05 -2.07
CA ASP A 188 10.08 -32.00 -1.02
C ASP A 188 11.38 -32.73 -1.41
N GLU A 189 11.46 -33.12 -2.68
CA GLU A 189 12.63 -33.79 -3.19
C GLU A 189 13.90 -33.01 -2.89
N VAL A 190 13.88 -31.69 -3.06
CA VAL A 190 15.11 -30.92 -2.79
C VAL A 190 15.08 -30.19 -1.47
N GLY A 191 14.04 -30.38 -0.68
CA GLY A 191 13.97 -29.73 0.63
C GLY A 191 13.81 -28.22 0.55
N ALA A 192 12.93 -27.79 -0.33
CA ALA A 192 12.63 -26.38 -0.54
C ALA A 192 11.26 -26.03 0.02
N TYR A 193 11.06 -24.77 0.40
CA TYR A 193 9.70 -24.37 0.78
C TYR A 193 8.93 -24.21 -0.53
N LEU A 194 7.61 -24.17 -0.41
CA LEU A 194 6.80 -23.92 -1.59
C LEU A 194 6.02 -22.62 -1.45
N MET A 195 6.18 -21.70 -2.40
CA MET A 195 5.33 -20.51 -2.37
C MET A 195 4.44 -20.48 -3.60
N VAL A 196 3.13 -20.43 -3.40
CA VAL A 196 2.19 -20.28 -4.50
C VAL A 196 1.64 -18.86 -4.51
N ASP A 197 1.86 -18.17 -5.64
CA ASP A 197 1.32 -16.82 -5.81
C ASP A 197 0.01 -16.97 -6.57
N MET A 198 -1.15 -17.01 -5.90
CA MET A 198 -2.39 -17.21 -6.63
C MET A 198 -3.10 -15.97 -7.11
N ALA A 199 -2.51 -14.79 -7.03
CA ALA A 199 -3.08 -13.52 -7.47
C ALA A 199 -4.10 -13.58 -8.58
N HIS A 200 -3.75 -13.93 -9.81
CA HIS A 200 -4.68 -14.04 -10.91
C HIS A 200 -5.87 -14.96 -10.74
N ILE A 201 -5.65 -16.10 -10.08
CA ILE A 201 -6.69 -17.12 -9.99
C ILE A 201 -7.35 -17.26 -8.63
N ALA A 202 -7.16 -16.34 -7.69
CA ALA A 202 -7.72 -16.44 -6.35
C ALA A 202 -9.23 -16.51 -6.29
N GLY A 203 -9.96 -15.85 -7.20
CA GLY A 203 -11.42 -15.96 -7.19
C GLY A 203 -11.83 -17.32 -7.77
N LEU A 204 -11.04 -17.79 -8.74
CA LEU A 204 -11.26 -19.08 -9.36
C LEU A 204 -10.97 -20.19 -8.36
N VAL A 205 -9.95 -20.04 -7.52
CA VAL A 205 -9.67 -21.04 -6.48
C VAL A 205 -10.79 -21.04 -5.45
N ALA A 206 -11.26 -19.86 -5.08
CA ALA A 206 -12.33 -19.63 -4.13
C ALA A 206 -13.63 -20.29 -4.54
N ALA A 207 -13.93 -20.35 -5.83
CA ALA A 207 -15.20 -20.93 -6.27
C ALA A 207 -15.08 -22.37 -6.70
N GLY A 208 -13.99 -23.06 -6.36
CA GLY A 208 -13.80 -24.43 -6.78
C GLY A 208 -13.47 -24.64 -8.25
N LEU A 209 -13.17 -23.59 -9.02
CA LEU A 209 -12.84 -23.78 -10.42
C LEU A 209 -11.37 -23.89 -10.77
N HIS A 210 -10.48 -23.85 -9.80
CA HIS A 210 -9.06 -24.07 -9.96
C HIS A 210 -8.54 -24.75 -8.70
N PRO A 211 -7.71 -25.76 -8.85
CA PRO A 211 -7.16 -26.45 -7.69
C PRO A 211 -6.63 -25.40 -6.70
N ASN A 212 -6.77 -25.73 -5.43
CA ASN A 212 -6.35 -24.85 -4.34
C ASN A 212 -4.93 -25.19 -3.92
N PRO A 213 -4.04 -24.20 -3.89
CA PRO A 213 -2.66 -24.38 -3.50
C PRO A 213 -2.47 -24.48 -2.00
N VAL A 214 -3.45 -23.98 -1.23
CA VAL A 214 -3.36 -24.03 0.23
C VAL A 214 -2.98 -25.37 0.80
N PRO A 215 -3.58 -26.48 0.39
CA PRO A 215 -3.21 -27.79 0.90
C PRO A 215 -1.80 -28.20 0.54
N TYR A 216 -1.23 -27.71 -0.57
CA TYR A 216 0.11 -28.07 -1.00
C TYR A 216 1.20 -27.08 -0.68
N ALA A 217 0.95 -25.81 -0.34
CA ALA A 217 2.07 -24.87 -0.17
C ALA A 217 2.33 -24.43 1.25
N HIS A 218 3.56 -24.03 1.55
CA HIS A 218 3.85 -23.53 2.90
C HIS A 218 3.24 -22.14 3.03
N PHE A 219 3.48 -21.35 1.99
CA PHE A 219 3.00 -20.01 1.83
C PHE A 219 2.23 -19.82 0.50
N VAL A 220 1.07 -19.17 0.62
CA VAL A 220 0.20 -18.77 -0.45
C VAL A 220 0.01 -17.24 -0.40
N THR A 221 0.45 -16.55 -1.45
CA THR A 221 0.31 -15.11 -1.53
C THR A 221 -0.75 -14.75 -2.59
N THR A 222 -1.50 -13.67 -2.35
CA THR A 222 -2.47 -13.28 -3.38
C THR A 222 -2.71 -11.79 -3.38
N THR A 223 -3.20 -11.27 -4.50
CA THR A 223 -3.73 -9.90 -4.53
C THR A 223 -5.23 -10.04 -4.15
N THR A 224 -5.89 -8.96 -3.76
CA THR A 224 -7.32 -9.11 -3.45
C THR A 224 -8.17 -8.51 -4.58
N HIS A 225 -7.55 -8.00 -5.64
CA HIS A 225 -8.24 -7.33 -6.71
C HIS A 225 -8.32 -7.96 -8.08
N LYS A 226 -7.74 -9.10 -8.37
CA LYS A 226 -7.91 -9.67 -9.73
C LYS A 226 -9.18 -10.50 -9.74
N THR A 227 -9.20 -11.78 -10.09
CA THR A 227 -10.42 -12.55 -10.08
C THR A 227 -11.13 -12.61 -8.74
N LEU A 228 -10.54 -12.26 -7.63
CA LEU A 228 -11.19 -12.29 -6.32
C LEU A 228 -12.21 -11.15 -6.18
N ARG A 229 -12.04 -10.15 -7.04
CA ARG A 229 -12.91 -9.02 -7.16
C ARG A 229 -13.02 -8.17 -5.90
N GLY A 230 -11.88 -7.81 -5.34
CA GLY A 230 -11.87 -7.00 -4.13
C GLY A 230 -11.08 -5.72 -4.32
N PRO A 231 -10.78 -5.06 -3.22
CA PRO A 231 -10.03 -3.83 -3.23
C PRO A 231 -8.60 -4.07 -3.66
N ARG A 232 -7.91 -2.99 -4.02
CA ARG A 232 -6.49 -3.14 -4.41
C ARG A 232 -5.69 -3.36 -3.14
N GLY A 233 -5.10 -4.54 -2.98
CA GLY A 233 -4.31 -4.89 -1.80
C GLY A 233 -3.79 -6.32 -1.88
N GLY A 234 -3.11 -6.77 -0.84
CA GLY A 234 -2.55 -8.11 -0.79
C GLY A 234 -2.97 -8.97 0.38
N MET A 235 -2.47 -10.21 0.40
CA MET A 235 -2.80 -11.17 1.44
C MET A 235 -1.85 -12.35 1.45
N ILE A 236 -1.50 -12.80 2.65
CA ILE A 236 -0.67 -13.99 2.81
C ILE A 236 -1.48 -15.00 3.64
N LEU A 237 -1.50 -16.22 3.14
CA LEU A 237 -2.16 -17.34 3.84
C LEU A 237 -1.01 -18.31 4.15
N CYS A 238 -1.01 -18.97 5.29
CA CYS A 238 0.12 -19.87 5.58
C CYS A 238 -0.25 -20.91 6.62
N GLN A 239 0.58 -21.93 6.73
CA GLN A 239 0.42 -22.92 7.78
C GLN A 239 0.70 -22.20 9.11
N GLU A 240 0.16 -22.70 10.22
CA GLU A 240 0.32 -22.01 11.49
C GLU A 240 1.71 -22.04 12.07
N GLN A 241 2.59 -22.91 11.55
CA GLN A 241 3.98 -22.98 11.93
C GLN A 241 4.78 -21.80 11.42
N PHE A 242 4.25 -21.04 10.45
CA PHE A 242 4.94 -19.90 9.89
C PHE A 242 4.28 -18.58 10.25
N ALA A 243 3.11 -18.63 10.84
CA ALA A 243 2.30 -17.50 11.23
C ALA A 243 3.01 -16.37 11.96
N LYS A 244 3.71 -16.68 13.04
CA LYS A 244 4.40 -15.69 13.86
C LYS A 244 5.47 -14.98 13.04
N GLN A 245 6.12 -15.72 12.14
CA GLN A 245 7.16 -15.12 11.32
C GLN A 245 6.56 -14.31 10.18
N ILE A 246 5.47 -14.82 9.60
CA ILE A 246 4.82 -14.10 8.51
C ILE A 246 4.33 -12.75 8.99
N ASP A 247 3.66 -12.75 10.14
CA ASP A 247 3.13 -11.53 10.72
C ASP A 247 4.20 -10.53 11.09
N LYS A 248 5.36 -11.00 11.55
CA LYS A 248 6.44 -10.10 11.92
C LYS A 248 7.16 -9.56 10.66
N ALA A 249 7.11 -10.34 9.59
CA ALA A 249 7.72 -9.93 8.32
C ALA A 249 6.95 -8.70 7.82
N ILE A 250 5.62 -8.79 7.83
CA ILE A 250 4.77 -7.67 7.49
C ILE A 250 4.99 -6.50 8.45
N PHE A 251 4.89 -6.77 9.77
CA PHE A 251 5.08 -5.73 10.74
C PHE A 251 5.71 -6.12 12.05
N PRO A 252 6.98 -5.87 12.30
CA PRO A 252 7.67 -4.63 12.11
C PRO A 252 8.65 -4.66 10.93
N GLY A 253 8.58 -5.69 10.09
CA GLY A 253 9.51 -5.89 9.01
C GLY A 253 9.51 -5.00 7.80
N ILE A 254 8.54 -5.15 6.89
CA ILE A 254 8.54 -4.35 5.67
C ILE A 254 7.42 -3.33 5.63
N GLN A 255 6.41 -3.43 6.48
CA GLN A 255 5.35 -2.42 6.42
C GLN A 255 5.31 -1.60 7.69
N GLY A 256 4.41 -0.63 7.70
CA GLY A 256 4.22 0.28 8.83
C GLY A 256 2.75 0.12 9.26
N GLY A 257 1.97 1.18 9.18
CA GLY A 257 0.55 1.01 9.52
C GLY A 257 -0.21 0.38 8.36
N PRO A 258 -1.10 -0.56 8.68
CA PRO A 258 -1.98 -1.12 7.67
C PRO A 258 -2.99 -0.07 7.22
N LEU A 259 -3.72 -0.41 6.19
CA LEU A 259 -4.78 0.42 5.62
C LEU A 259 -6.09 -0.25 6.08
N MET A 260 -6.53 0.18 7.27
CA MET A 260 -7.74 -0.39 7.86
C MET A 260 -8.93 -0.27 6.94
N HIS A 261 -9.07 0.89 6.28
CA HIS A 261 -10.18 1.04 5.33
C HIS A 261 -10.11 0.03 4.20
N VAL A 262 -8.93 -0.26 3.68
CA VAL A 262 -8.84 -1.27 2.61
C VAL A 262 -9.02 -2.67 3.19
N ILE A 263 -8.58 -2.84 4.45
CA ILE A 263 -8.76 -4.13 5.15
C ILE A 263 -10.24 -4.39 5.40
N ALA A 264 -11.01 -3.33 5.63
CA ALA A 264 -12.47 -3.47 5.68
C ALA A 264 -13.05 -3.84 4.32
N ALA A 265 -12.53 -3.30 3.21
CA ALA A 265 -13.00 -3.67 1.87
C ALA A 265 -12.64 -5.11 1.53
N LYS A 266 -11.47 -5.57 2.00
CA LYS A 266 -11.09 -6.98 1.77
C LYS A 266 -12.08 -7.88 2.49
N ALA A 267 -12.40 -7.47 3.71
CA ALA A 267 -13.42 -8.16 4.51
C ALA A 267 -14.74 -8.22 3.74
N VAL A 268 -15.19 -7.11 3.15
CA VAL A 268 -16.42 -7.14 2.35
C VAL A 268 -16.27 -8.00 1.10
N ALA A 269 -15.14 -7.87 0.42
CA ALA A 269 -14.90 -8.65 -0.80
C ALA A 269 -14.95 -10.15 -0.50
N PHE A 270 -14.35 -10.56 0.61
CA PHE A 270 -14.36 -11.97 0.97
C PHE A 270 -15.78 -12.42 1.33
N GLY A 271 -16.51 -11.52 1.99
CA GLY A 271 -17.90 -11.78 2.33
C GLY A 271 -18.66 -12.15 1.05
N GLU A 272 -18.51 -11.32 0.02
CA GLU A 272 -19.13 -11.59 -1.28
C GLU A 272 -18.65 -12.91 -1.87
N ALA A 273 -17.35 -13.20 -1.78
CA ALA A 273 -16.84 -14.46 -2.29
C ALA A 273 -17.44 -15.68 -1.63
N LEU A 274 -17.74 -15.68 -0.34
CA LEU A 274 -18.33 -16.83 0.34
C LEU A 274 -19.73 -17.18 -0.12
N GLN A 275 -20.46 -16.22 -0.67
CA GLN A 275 -21.80 -16.38 -1.16
C GLN A 275 -21.85 -17.11 -2.49
N ASP A 276 -22.92 -17.86 -2.67
CA ASP A 276 -23.24 -18.74 -3.75
C ASP A 276 -23.15 -18.20 -5.15
N ASP A 277 -23.55 -16.96 -5.40
CA ASP A 277 -23.52 -16.46 -6.77
C ASP A 277 -22.15 -15.96 -7.18
N PHE A 278 -21.21 -15.96 -6.23
CA PHE A 278 -19.82 -15.68 -6.59
C PHE A 278 -19.29 -16.94 -7.30
N LYS A 279 -19.76 -18.11 -6.85
CA LYS A 279 -19.37 -19.36 -7.50
C LYS A 279 -19.96 -19.38 -8.92
N ALA A 280 -21.18 -18.85 -8.98
CA ALA A 280 -21.89 -18.72 -10.25
C ALA A 280 -21.09 -17.80 -11.19
N TYR A 281 -20.79 -16.61 -10.67
CA TYR A 281 -20.05 -15.61 -11.43
C TYR A 281 -18.73 -16.16 -11.94
N ALA A 282 -18.01 -16.84 -11.05
CA ALA A 282 -16.70 -17.37 -11.41
C ALA A 282 -16.82 -18.36 -12.57
N LYS A 283 -17.87 -19.17 -12.59
CA LYS A 283 -18.02 -20.14 -13.67
C LYS A 283 -18.17 -19.46 -15.03
N ARG A 284 -18.87 -18.32 -15.06
CA ARG A 284 -19.07 -17.56 -16.28
C ARG A 284 -17.80 -16.93 -16.80
N VAL A 285 -16.90 -16.51 -15.89
CA VAL A 285 -15.60 -15.97 -16.34
C VAL A 285 -14.90 -17.08 -17.15
N VAL A 286 -14.70 -18.21 -16.49
CA VAL A 286 -14.09 -19.36 -17.14
C VAL A 286 -14.85 -19.79 -18.38
N ASP A 287 -16.17 -19.83 -18.38
CA ASP A 287 -16.91 -20.22 -19.59
C ASP A 287 -16.66 -19.18 -20.67
N ASN A 288 -16.86 -17.91 -20.31
CA ASN A 288 -16.62 -16.79 -21.21
C ASN A 288 -15.19 -16.80 -21.72
N ALA A 289 -14.24 -17.17 -20.87
CA ALA A 289 -12.85 -17.22 -21.32
C ALA A 289 -12.72 -18.31 -22.39
N LYS A 290 -13.28 -19.48 -22.10
CA LYS A 290 -13.25 -20.59 -23.05
C LYS A 290 -13.82 -20.12 -24.39
N ARG A 291 -15.03 -19.60 -24.31
CA ARG A 291 -15.73 -19.09 -25.49
C ARG A 291 -14.92 -18.04 -26.22
N LEU A 292 -14.50 -16.98 -25.57
CA LEU A 292 -13.67 -15.95 -26.20
C LEU A 292 -12.51 -16.56 -26.99
N ALA A 293 -11.80 -17.51 -26.41
CA ALA A 293 -10.66 -18.14 -27.04
C ALA A 293 -11.04 -18.74 -28.39
N SER A 294 -12.02 -19.63 -28.33
CA SER A 294 -12.59 -20.35 -29.44
C SER A 294 -13.11 -19.42 -30.53
N ALA A 295 -13.76 -18.34 -30.11
CA ALA A 295 -14.23 -17.32 -31.03
C ALA A 295 -13.02 -16.68 -31.71
N LEU A 296 -11.95 -16.46 -30.96
CA LEU A 296 -10.73 -15.88 -31.46
C LEU A 296 -9.98 -16.81 -32.42
N GLN A 297 -10.02 -18.10 -32.12
CA GLN A 297 -9.41 -19.11 -32.97
C GLN A 297 -10.13 -19.16 -34.31
N ASN A 298 -11.45 -19.00 -34.26
CA ASN A 298 -12.32 -18.93 -35.42
C ASN A 298 -12.04 -17.72 -36.29
N GLU A 299 -11.63 -16.60 -35.70
CA GLU A 299 -11.25 -15.43 -36.48
C GLU A 299 -9.85 -15.60 -37.06
N GLY A 300 -9.19 -16.73 -36.84
CA GLY A 300 -7.86 -16.99 -37.36
C GLY A 300 -6.74 -16.66 -36.42
N PHE A 301 -7.01 -16.44 -35.13
CA PHE A 301 -5.96 -16.07 -34.19
C PHE A 301 -5.29 -17.28 -33.55
N THR A 302 -4.03 -17.07 -33.15
CA THR A 302 -3.27 -18.15 -32.51
C THR A 302 -3.10 -17.85 -31.04
N LEU A 303 -3.50 -18.82 -30.20
CA LEU A 303 -3.48 -18.65 -28.75
C LEU A 303 -2.33 -19.43 -28.12
N VAL A 304 -1.51 -18.81 -27.27
CA VAL A 304 -0.47 -19.63 -26.62
C VAL A 304 -1.13 -20.69 -25.74
N SER A 305 -0.74 -21.92 -25.93
CA SER A 305 -1.20 -23.12 -25.29
C SER A 305 -2.43 -23.74 -25.94
N GLY A 306 -3.00 -23.12 -26.97
CA GLY A 306 -4.16 -23.60 -27.67
C GLY A 306 -5.50 -23.20 -27.09
N GLY A 307 -5.53 -22.48 -25.97
CA GLY A 307 -6.77 -22.05 -25.35
C GLY A 307 -6.55 -21.64 -23.91
N THR A 308 -7.51 -21.93 -23.02
CA THR A 308 -7.34 -21.58 -21.62
C THR A 308 -8.18 -22.44 -20.69
N ASP A 309 -7.69 -22.64 -19.47
CA ASP A 309 -8.39 -23.39 -18.44
C ASP A 309 -8.81 -22.45 -17.30
N ASN A 310 -8.52 -21.16 -17.49
CA ASN A 310 -8.86 -20.16 -16.50
C ASN A 310 -9.44 -18.91 -17.15
N HIS A 311 -9.25 -17.78 -16.49
CA HIS A 311 -9.81 -16.49 -16.85
C HIS A 311 -9.08 -15.73 -17.93
N LEU A 312 -7.86 -16.11 -18.30
CA LEU A 312 -7.15 -15.31 -19.29
C LEU A 312 -6.65 -16.07 -20.50
N LEU A 313 -6.37 -15.28 -21.54
CA LEU A 313 -5.83 -15.89 -22.77
C LEU A 313 -4.69 -15.04 -23.31
N LEU A 314 -3.79 -15.68 -24.03
CA LEU A 314 -2.59 -15.05 -24.59
C LEU A 314 -2.58 -15.26 -26.11
N VAL A 315 -2.78 -14.15 -26.83
CA VAL A 315 -2.81 -14.22 -28.29
C VAL A 315 -1.40 -14.08 -28.86
N ASP A 316 -0.96 -15.10 -29.60
CA ASP A 316 0.36 -15.04 -30.27
C ASP A 316 0.10 -14.31 -31.59
N LEU A 317 0.44 -13.01 -31.61
CA LEU A 317 0.09 -12.14 -32.71
C LEU A 317 0.88 -12.28 -33.98
N ARG A 318 2.07 -12.83 -33.99
CA ARG A 318 2.91 -13.02 -35.15
C ARG A 318 2.24 -13.28 -36.46
N PRO A 319 1.33 -14.24 -36.61
CA PRO A 319 0.65 -14.56 -37.84
C PRO A 319 -0.23 -13.52 -38.49
N GLN A 320 -0.34 -12.32 -37.97
CA GLN A 320 -1.05 -11.17 -38.49
C GLN A 320 0.06 -10.10 -38.60
N GLN A 321 1.26 -10.61 -38.80
CA GLN A 321 2.51 -9.90 -38.78
C GLN A 321 2.52 -8.63 -37.95
N LEU A 322 1.91 -8.71 -36.76
CA LEU A 322 1.67 -7.75 -35.75
C LEU A 322 2.59 -7.92 -34.53
N THR A 323 2.70 -6.83 -33.80
CA THR A 323 3.37 -6.84 -32.50
C THR A 323 2.29 -6.55 -31.47
N GLY A 324 2.52 -6.88 -30.20
CA GLY A 324 1.53 -6.63 -29.17
C GLY A 324 1.34 -5.14 -28.93
N LYS A 325 2.37 -4.33 -29.13
CA LYS A 325 2.27 -2.90 -28.91
C LYS A 325 1.28 -2.20 -29.84
N THR A 326 1.31 -2.49 -31.14
CA THR A 326 0.38 -1.87 -32.08
C THR A 326 -1.02 -2.42 -31.85
N ALA A 327 -1.11 -3.74 -31.67
CA ALA A 327 -2.41 -4.36 -31.38
C ALA A 327 -3.10 -3.58 -30.27
N GLU A 328 -2.41 -3.42 -29.15
CA GLU A 328 -2.86 -2.68 -27.99
C GLU A 328 -3.35 -1.28 -28.32
N LYS A 329 -2.51 -0.53 -29.01
CA LYS A 329 -2.78 0.82 -29.49
C LYS A 329 -4.09 0.88 -30.28
N VAL A 330 -4.12 0.03 -31.31
CA VAL A 330 -5.23 -0.06 -32.26
C VAL A 330 -6.55 -0.27 -31.57
N LEU A 331 -6.62 -1.20 -30.64
CA LEU A 331 -7.88 -1.48 -29.96
C LEU A 331 -8.30 -0.44 -28.96
N ASP A 332 -7.41 0.48 -28.61
CA ASP A 332 -7.71 1.51 -27.62
C ASP A 332 -8.54 2.64 -28.22
N GLU A 333 -8.48 2.71 -29.54
CA GLU A 333 -9.22 3.69 -30.32
C GLU A 333 -10.66 3.23 -30.51
N VAL A 334 -10.82 1.93 -30.67
CA VAL A 334 -12.12 1.33 -30.86
C VAL A 334 -12.82 0.97 -29.56
N GLY A 335 -12.11 1.15 -28.44
CA GLY A 335 -12.69 0.94 -27.12
C GLY A 335 -12.38 -0.36 -26.43
N ILE A 336 -11.44 -1.14 -26.96
CA ILE A 336 -11.09 -2.41 -26.32
C ILE A 336 -9.79 -2.26 -25.55
N THR A 337 -9.87 -2.49 -24.24
CA THR A 337 -8.67 -2.27 -23.43
C THR A 337 -8.05 -3.59 -23.03
N VAL A 338 -6.88 -3.83 -23.59
CA VAL A 338 -6.07 -5.00 -23.41
C VAL A 338 -4.67 -4.55 -22.95
N ASN A 339 -3.71 -5.46 -23.01
CA ASN A 339 -2.35 -5.06 -22.64
C ASN A 339 -1.39 -5.95 -23.42
N LYS A 340 -0.43 -5.28 -24.05
CA LYS A 340 0.59 -6.03 -24.78
C LYS A 340 1.20 -7.00 -23.76
N ASN A 341 1.59 -8.18 -24.19
CA ASN A 341 2.17 -9.14 -23.24
C ASN A 341 3.10 -10.05 -24.04
N THR A 342 4.28 -10.26 -23.48
CA THR A 342 5.24 -11.16 -24.11
C THR A 342 4.58 -12.53 -24.27
N ILE A 343 5.12 -13.33 -25.15
CA ILE A 343 4.65 -14.70 -25.37
C ILE A 343 5.86 -15.60 -25.12
N PRO A 344 5.63 -16.85 -24.79
CA PRO A 344 6.73 -17.76 -24.55
C PRO A 344 7.73 -17.68 -25.68
N TYR A 345 9.02 -17.63 -25.39
CA TYR A 345 10.06 -17.57 -26.42
C TYR A 345 9.77 -16.44 -27.40
N ASP A 346 9.21 -15.33 -26.89
CA ASP A 346 8.85 -14.22 -27.77
C ASP A 346 10.12 -13.81 -28.50
N PRO A 347 10.04 -13.68 -29.81
CA PRO A 347 11.18 -13.28 -30.62
C PRO A 347 11.57 -11.83 -30.37
N GLU A 348 10.67 -11.04 -29.82
CA GLU A 348 10.92 -9.65 -29.47
C GLU A 348 10.93 -9.46 -27.96
N SER A 349 11.10 -8.23 -27.51
CA SER A 349 11.22 -7.92 -26.10
C SER A 349 9.94 -7.46 -25.45
N PRO A 350 9.95 -7.33 -24.12
CA PRO A 350 8.83 -6.91 -23.32
C PRO A 350 8.52 -5.44 -23.29
N PHE A 351 8.66 -4.78 -24.43
CA PHE A 351 8.35 -3.36 -24.57
C PHE A 351 7.60 -3.19 -25.88
N VAL A 352 7.74 -4.21 -26.71
CA VAL A 352 7.10 -4.31 -28.00
C VAL A 352 6.22 -5.57 -28.04
N THR A 353 6.83 -6.69 -27.75
CA THR A 353 6.27 -8.00 -27.63
C THR A 353 5.44 -8.49 -28.82
N SER A 354 5.24 -9.81 -28.80
CA SER A 354 4.51 -10.51 -29.83
C SER A 354 3.09 -10.88 -29.48
N GLY A 355 2.45 -10.26 -28.50
CA GLY A 355 1.09 -10.70 -28.21
C GLY A 355 0.28 -9.77 -27.33
N ILE A 356 -1.00 -10.13 -27.17
CA ILE A 356 -1.90 -9.41 -26.27
C ILE A 356 -2.51 -10.38 -25.27
N ARG A 357 -2.68 -9.93 -24.04
CA ARG A 357 -3.25 -10.75 -22.96
C ARG A 357 -4.67 -10.27 -22.71
N ILE A 358 -5.57 -11.24 -22.60
CA ILE A 358 -6.99 -10.90 -22.49
C ILE A 358 -7.63 -11.74 -21.39
N GLY A 359 -8.65 -11.17 -20.76
CA GLY A 359 -9.34 -11.85 -19.70
C GLY A 359 -10.78 -11.42 -19.59
N THR A 360 -11.62 -12.31 -19.05
CA THR A 360 -13.04 -11.98 -18.96
C THR A 360 -13.57 -11.60 -17.60
N ALA A 361 -12.77 -11.49 -16.54
CA ALA A 361 -13.33 -11.20 -15.22
C ALA A 361 -14.14 -9.92 -15.21
N ALA A 362 -13.62 -8.82 -15.73
CA ALA A 362 -14.33 -7.55 -15.74
C ALA A 362 -15.62 -7.55 -16.53
N VAL A 363 -15.58 -7.97 -17.79
CA VAL A 363 -16.78 -7.96 -18.62
C VAL A 363 -17.82 -8.92 -18.06
N THR A 364 -17.37 -10.10 -17.58
CA THR A 364 -18.29 -11.02 -16.91
C THR A 364 -18.95 -10.30 -15.72
N THR A 365 -18.19 -9.51 -14.95
CA THR A 365 -18.78 -8.76 -13.85
C THR A 365 -19.85 -7.80 -14.33
N ARG A 366 -19.67 -7.18 -15.50
CA ARG A 366 -20.70 -6.30 -16.04
C ARG A 366 -21.80 -7.02 -16.81
N GLY A 367 -21.92 -8.34 -16.79
CA GLY A 367 -22.99 -9.07 -17.41
C GLY A 367 -22.85 -9.62 -18.80
N PHE A 368 -21.72 -9.54 -19.47
CA PHE A 368 -21.52 -10.10 -20.81
C PHE A 368 -21.47 -11.61 -20.73
N GLY A 369 -22.04 -12.32 -21.68
CA GLY A 369 -22.03 -13.78 -21.69
C GLY A 369 -21.40 -14.34 -22.96
N LEU A 370 -21.82 -15.53 -23.36
CA LEU A 370 -21.28 -16.20 -24.53
C LEU A 370 -21.42 -15.43 -25.82
N GLU A 371 -22.64 -15.02 -26.15
CA GLU A 371 -22.89 -14.33 -27.42
C GLU A 371 -22.20 -12.98 -27.51
N GLU A 372 -21.96 -12.31 -26.38
CA GLU A 372 -21.27 -11.02 -26.37
C GLU A 372 -19.76 -11.23 -26.46
N MET A 373 -19.30 -12.44 -26.15
CA MET A 373 -17.90 -12.83 -26.26
C MET A 373 -17.56 -13.08 -27.74
N ASP A 374 -18.54 -13.67 -28.41
CA ASP A 374 -18.45 -13.94 -29.85
C ASP A 374 -18.26 -12.61 -30.58
N GLU A 375 -19.08 -11.62 -30.24
CA GLU A 375 -18.93 -10.30 -30.83
C GLU A 375 -17.61 -9.65 -30.47
N ILE A 376 -17.10 -9.81 -29.24
CA ILE A 376 -15.85 -9.12 -28.90
C ILE A 376 -14.75 -9.58 -29.84
N ALA A 377 -14.68 -10.90 -30.03
CA ALA A 377 -13.70 -11.50 -30.93
C ALA A 377 -13.88 -11.01 -32.36
N ALA A 378 -15.14 -10.94 -32.80
CA ALA A 378 -15.46 -10.45 -34.13
C ALA A 378 -14.84 -9.07 -34.36
N ILE A 379 -15.11 -8.17 -33.42
CA ILE A 379 -14.56 -6.83 -33.47
C ILE A 379 -13.04 -6.83 -33.40
N ILE A 380 -12.46 -7.73 -32.60
CA ILE A 380 -10.99 -7.79 -32.55
C ILE A 380 -10.47 -8.26 -33.89
N GLY A 381 -11.17 -9.17 -34.56
CA GLY A 381 -10.79 -9.63 -35.88
C GLY A 381 -10.88 -8.53 -36.94
N LEU A 382 -12.03 -7.87 -37.00
CA LEU A 382 -12.23 -6.77 -37.92
C LEU A 382 -11.10 -5.74 -37.81
N VAL A 383 -10.72 -5.39 -36.58
CA VAL A 383 -9.75 -4.38 -36.28
C VAL A 383 -8.29 -4.73 -36.50
N LEU A 384 -7.87 -5.90 -36.03
CA LEU A 384 -6.50 -6.35 -36.07
C LEU A 384 -6.05 -6.87 -37.44
N LYS A 385 -7.00 -7.34 -38.22
CA LYS A 385 -6.74 -7.85 -39.56
C LYS A 385 -6.80 -6.76 -40.61
N ASN A 386 -7.23 -5.56 -40.26
CA ASN A 386 -7.36 -4.42 -41.16
C ASN A 386 -6.92 -3.14 -40.43
N VAL A 387 -5.70 -3.14 -39.95
CA VAL A 387 -5.15 -2.12 -39.10
C VAL A 387 -5.11 -0.68 -39.52
N GLY A 388 -5.07 -0.30 -40.77
CA GLY A 388 -5.00 1.12 -41.14
C GLY A 388 -6.26 1.65 -41.78
N SER A 389 -7.26 0.78 -41.97
CA SER A 389 -8.52 1.19 -42.57
C SER A 389 -9.35 2.04 -41.62
N GLU A 390 -9.57 3.31 -41.95
CA GLU A 390 -10.42 4.15 -41.13
C GLU A 390 -11.85 3.65 -41.03
N GLN A 391 -12.31 2.92 -42.03
CA GLN A 391 -13.63 2.34 -42.08
C GLN A 391 -13.77 1.17 -41.12
N ALA A 392 -12.73 0.34 -41.05
CA ALA A 392 -12.75 -0.80 -40.13
C ALA A 392 -12.77 -0.29 -38.67
N LEU A 393 -11.98 0.75 -38.44
CA LEU A 393 -11.87 1.39 -37.15
C LEU A 393 -13.22 1.86 -36.65
N GLU A 394 -13.86 2.72 -37.46
CA GLU A 394 -15.14 3.28 -37.12
C GLU A 394 -16.24 2.24 -37.01
N GLU A 395 -16.19 1.20 -37.84
CA GLU A 395 -17.18 0.13 -37.71
C GLU A 395 -16.99 -0.44 -36.30
N ALA A 396 -15.74 -0.79 -36.01
CA ALA A 396 -15.36 -1.25 -34.68
C ALA A 396 -16.01 -0.37 -33.61
N ARG A 397 -15.78 0.93 -33.65
CA ARG A 397 -16.36 1.87 -32.72
C ARG A 397 -17.86 1.74 -32.48
N GLN A 398 -18.70 1.55 -33.50
CA GLN A 398 -20.13 1.43 -33.24
C GLN A 398 -20.51 0.09 -32.60
N ARG A 399 -19.76 -0.95 -32.94
CA ARG A 399 -20.06 -2.29 -32.40
C ARG A 399 -19.71 -2.35 -30.92
N VAL A 400 -18.55 -1.81 -30.55
CA VAL A 400 -18.20 -1.72 -29.12
C VAL A 400 -19.32 -0.92 -28.46
N ALA A 401 -19.62 0.24 -29.03
CA ALA A 401 -20.67 1.12 -28.56
C ALA A 401 -22.01 0.42 -28.41
N ALA A 402 -22.26 -0.59 -29.22
CA ALA A 402 -23.47 -1.39 -29.19
C ALA A 402 -23.50 -2.35 -28.02
N LEU A 403 -22.32 -2.70 -27.53
CA LEU A 403 -22.18 -3.64 -26.43
C LEU A 403 -22.28 -2.97 -25.06
N THR A 404 -21.70 -1.77 -24.93
CA THR A 404 -21.71 -1.08 -23.65
C THR A 404 -22.89 -0.13 -23.51
N ASP A 405 -23.67 0.05 -24.56
CA ASP A 405 -24.73 1.01 -24.64
C ASP A 405 -24.55 2.16 -23.64
N MET B 1 -23.58 5.94 3.67
CA MET B 1 -23.31 4.60 3.06
C MET B 1 -24.61 3.98 2.57
N LYS B 2 -24.64 3.55 1.31
CA LYS B 2 -25.84 3.03 0.71
C LYS B 2 -25.93 1.52 0.66
N TYR B 3 -24.93 0.84 0.11
CA TYR B 3 -24.97 -0.59 -0.13
C TYR B 3 -24.34 -1.46 0.94
N LEU B 4 -23.42 -0.92 1.74
CA LEU B 4 -22.71 -1.67 2.75
C LEU B 4 -23.55 -2.27 3.86
N PRO B 5 -24.42 -1.48 4.48
CA PRO B 5 -25.29 -1.94 5.57
C PRO B 5 -26.22 -3.07 5.15
N GLN B 6 -26.57 -3.14 3.88
CA GLN B 6 -27.42 -4.21 3.37
C GLN B 6 -26.57 -5.39 2.91
N GLN B 7 -25.44 -5.13 2.26
CA GLN B 7 -24.54 -6.20 1.87
C GLN B 7 -23.94 -6.90 3.08
N ASP B 8 -23.28 -6.11 3.94
CA ASP B 8 -22.50 -6.63 5.04
C ASP B 8 -22.70 -5.96 6.39
N PRO B 9 -23.71 -6.39 7.13
CA PRO B 9 -24.00 -5.89 8.46
C PRO B 9 -22.85 -5.99 9.44
N GLN B 10 -22.07 -7.06 9.39
CA GLN B 10 -20.93 -7.22 10.29
C GLN B 10 -19.88 -6.15 10.03
N VAL B 11 -19.54 -5.88 8.76
CA VAL B 11 -18.53 -4.84 8.52
C VAL B 11 -19.09 -3.47 8.83
N PHE B 12 -20.33 -3.23 8.45
CA PHE B 12 -20.97 -1.94 8.64
C PHE B 12 -21.06 -1.53 10.11
N ALA B 13 -21.37 -2.48 10.98
CA ALA B 13 -21.46 -2.22 12.40
C ALA B 13 -20.11 -1.80 12.96
N ALA B 14 -19.02 -2.42 12.52
CA ALA B 14 -17.70 -2.05 13.03
C ALA B 14 -17.23 -0.72 12.46
N ILE B 15 -17.58 -0.45 11.19
CA ILE B 15 -17.22 0.84 10.60
C ILE B 15 -17.95 1.93 11.39
N GLU B 16 -19.23 1.70 11.69
CA GLU B 16 -20.05 2.64 12.44
C GLU B 16 -19.58 2.84 13.87
N GLN B 17 -19.09 1.78 14.50
CA GLN B 17 -18.55 1.94 15.85
C GLN B 17 -17.32 2.85 15.79
N GLU B 18 -16.48 2.67 14.77
CA GLU B 18 -15.26 3.44 14.63
C GLU B 18 -15.55 4.94 14.51
N ARG B 19 -16.51 5.20 13.65
CA ARG B 19 -16.99 6.53 13.41
C ARG B 19 -17.46 7.18 14.71
N LYS B 20 -18.29 6.46 15.45
CA LYS B 20 -18.73 7.00 16.75
C LYS B 20 -17.54 7.21 17.66
N ARG B 21 -16.62 6.24 17.72
CA ARG B 21 -15.46 6.40 18.58
C ARG B 21 -14.66 7.62 18.19
N GLN B 22 -14.48 7.84 16.90
CA GLN B 22 -13.76 9.00 16.40
C GLN B 22 -14.37 10.31 16.87
N HIS B 23 -15.68 10.40 17.05
CA HIS B 23 -16.32 11.60 17.56
C HIS B 23 -16.33 11.67 19.08
N ALA B 24 -16.54 10.55 19.77
CA ALA B 24 -16.66 10.53 21.20
C ALA B 24 -15.36 10.65 21.97
N LYS B 25 -14.26 10.10 21.48
CA LYS B 25 -13.00 10.15 22.16
C LYS B 25 -12.18 11.39 21.81
N ILE B 26 -11.16 11.68 22.63
CA ILE B 26 -10.25 12.80 22.27
C ILE B 26 -9.03 12.13 21.64
N GLU B 27 -8.99 12.13 20.29
CA GLU B 27 -7.92 11.45 19.61
C GLU B 27 -6.61 12.22 19.65
N LEU B 28 -5.72 11.87 20.59
CA LEU B 28 -4.47 12.59 20.73
C LEU B 28 -3.29 11.90 20.09
N ILE B 29 -3.52 10.84 19.32
CA ILE B 29 -2.39 10.17 18.65
C ILE B 29 -1.74 11.15 17.70
N ALA B 30 -0.46 11.43 17.87
CA ALA B 30 0.27 12.45 17.18
C ALA B 30 0.40 12.28 15.69
N SER B 31 0.33 11.07 15.17
CA SER B 31 0.43 10.82 13.74
C SER B 31 -0.95 10.66 13.11
N GLU B 32 -2.01 10.87 13.87
CA GLU B 32 -3.34 10.70 13.33
C GLU B 32 -3.93 12.05 12.90
N ASN B 33 -5.03 12.01 12.18
CA ASN B 33 -5.71 13.21 11.75
C ASN B 33 -7.10 12.84 11.24
N PHE B 34 -7.88 13.80 10.79
CA PHE B 34 -9.20 13.47 10.21
C PHE B 34 -9.21 14.07 8.80
N VAL B 35 -9.40 13.23 7.79
CA VAL B 35 -9.43 13.71 6.42
C VAL B 35 -10.80 14.30 6.12
N SER B 36 -10.83 15.06 5.02
CA SER B 36 -12.11 15.62 4.60
C SER B 36 -12.95 14.59 3.86
N ARG B 37 -14.22 14.94 3.70
CA ARG B 37 -15.19 14.16 2.98
C ARG B 37 -14.85 14.07 1.50
N ALA B 38 -14.21 15.12 0.98
CA ALA B 38 -13.73 15.13 -0.37
C ALA B 38 -12.63 14.08 -0.51
N VAL B 39 -11.71 14.02 0.44
CA VAL B 39 -10.65 13.00 0.40
C VAL B 39 -11.23 11.59 0.41
N MET B 40 -12.17 11.27 1.29
CA MET B 40 -12.76 9.95 1.38
C MET B 40 -13.49 9.49 0.12
N GLU B 41 -14.17 10.41 -0.53
CA GLU B 41 -14.94 10.19 -1.73
C GLU B 41 -14.05 9.77 -2.90
N ALA B 42 -12.88 10.41 -2.95
CA ALA B 42 -11.88 10.07 -3.95
C ALA B 42 -11.37 8.65 -3.67
N GLN B 43 -11.14 8.34 -2.39
CA GLN B 43 -10.69 7.01 -2.02
C GLN B 43 -11.75 5.95 -2.28
N GLY B 44 -13.03 6.31 -2.21
CA GLY B 44 -14.07 5.32 -2.43
C GLY B 44 -14.49 5.23 -3.88
N SER B 45 -13.74 5.87 -4.77
CA SER B 45 -14.08 5.92 -6.18
C SER B 45 -13.78 4.63 -6.94
N VAL B 46 -14.09 4.68 -8.23
CA VAL B 46 -13.88 3.58 -9.15
C VAL B 46 -12.46 3.48 -9.64
N LEU B 47 -11.58 4.41 -9.26
CA LEU B 47 -10.16 4.40 -9.58
C LEU B 47 -9.41 3.21 -8.99
N THR B 48 -9.99 2.42 -8.09
CA THR B 48 -9.44 1.20 -7.55
C THR B 48 -9.41 0.07 -8.59
N ASN B 49 -10.25 0.15 -9.61
CA ASN B 49 -10.37 -0.86 -10.65
C ASN B 49 -9.26 -0.80 -11.70
N LYS B 50 -8.53 0.31 -11.76
CA LYS B 50 -7.54 0.51 -12.77
C LYS B 50 -6.13 0.07 -12.43
N TYR B 51 -5.59 -0.84 -13.25
CA TYR B 51 -4.19 -1.21 -13.21
C TYR B 51 -3.43 -0.13 -14.00
N ALA B 52 -2.42 0.46 -13.40
CA ALA B 52 -1.65 1.51 -14.02
C ALA B 52 -0.16 1.43 -13.69
N GLU B 53 0.42 0.23 -13.77
CA GLU B 53 1.86 0.13 -13.56
C GLU B 53 2.52 1.10 -14.55
N GLY B 54 3.53 1.79 -14.09
CA GLY B 54 4.20 2.81 -14.87
C GLY B 54 3.88 4.20 -14.32
N TYR B 55 4.16 5.21 -15.13
CA TYR B 55 3.98 6.62 -14.83
C TYR B 55 3.15 7.29 -15.90
N PRO B 56 2.50 8.42 -15.58
CA PRO B 56 1.63 9.13 -16.52
C PRO B 56 2.31 9.32 -17.86
N GLY B 57 1.67 8.82 -18.90
CA GLY B 57 2.17 8.81 -20.25
C GLY B 57 3.16 7.69 -20.55
N ARG B 58 3.46 6.83 -19.59
CA ARG B 58 4.43 5.74 -19.74
C ARG B 58 3.97 4.51 -18.97
N ARG B 59 2.69 4.13 -19.22
CA ARG B 59 2.08 2.99 -18.56
C ARG B 59 2.35 1.67 -19.27
N TYR B 60 2.15 0.55 -18.56
CA TYR B 60 2.24 -0.77 -19.17
C TYR B 60 0.85 -1.31 -19.45
N TYR B 61 -0.17 -0.48 -19.45
CA TYR B 61 -1.55 -0.83 -19.70
C TYR B 61 -2.24 0.33 -20.45
N GLY B 62 -3.28 -0.02 -21.19
CA GLY B 62 -4.07 0.99 -21.90
C GLY B 62 -5.17 1.52 -20.98
N GLY B 63 -5.89 2.54 -21.43
CA GLY B 63 -6.98 3.13 -20.71
C GLY B 63 -6.58 3.96 -19.51
N CYS B 64 -5.33 4.43 -19.45
CA CYS B 64 -4.85 5.19 -18.32
C CYS B 64 -4.96 6.70 -18.53
N GLU B 65 -5.69 7.15 -19.51
CA GLU B 65 -5.93 8.51 -19.89
C GLU B 65 -6.31 9.46 -18.75
N TYR B 66 -7.25 9.00 -17.94
CA TYR B 66 -7.80 9.81 -16.86
C TYR B 66 -6.97 9.68 -15.61
N VAL B 67 -6.54 8.44 -15.33
CA VAL B 67 -5.69 8.19 -14.17
C VAL B 67 -4.38 8.95 -14.32
N ASP B 68 -3.91 9.21 -15.54
CA ASP B 68 -2.70 9.98 -15.76
C ASP B 68 -2.86 11.42 -15.29
N ILE B 69 -4.04 11.99 -15.53
CA ILE B 69 -4.33 13.35 -15.06
C ILE B 69 -4.37 13.35 -13.54
N VAL B 70 -4.96 12.29 -12.99
CA VAL B 70 -5.04 12.19 -11.52
C VAL B 70 -3.64 12.28 -10.92
N GLU B 71 -2.74 11.45 -11.43
CA GLU B 71 -1.36 11.43 -10.97
C GLU B 71 -0.62 12.71 -11.26
N GLU B 72 -0.88 13.40 -12.38
CA GLU B 72 -0.19 14.69 -12.60
C GLU B 72 -0.71 15.75 -11.64
N LEU B 73 -2.01 15.81 -11.35
CA LEU B 73 -2.49 16.77 -10.36
C LEU B 73 -1.76 16.62 -9.03
N ALA B 74 -1.59 15.38 -8.60
CA ALA B 74 -0.92 15.10 -7.33
C ALA B 74 0.54 15.51 -7.37
N ARG B 75 1.28 15.11 -8.40
CA ARG B 75 2.69 15.51 -8.49
C ARG B 75 2.87 17.01 -8.61
N GLU B 76 2.17 17.64 -9.54
CA GLU B 76 2.28 19.08 -9.76
C GLU B 76 1.82 19.85 -8.54
N ARG B 77 0.72 19.44 -7.90
CA ARG B 77 0.33 20.10 -6.66
C ARG B 77 1.35 19.82 -5.55
N ALA B 78 1.98 18.66 -5.50
CA ALA B 78 2.96 18.39 -4.45
C ALA B 78 4.16 19.33 -4.61
N LYS B 79 4.65 19.46 -5.85
CA LYS B 79 5.75 20.33 -6.19
C LYS B 79 5.42 21.78 -5.86
N GLN B 80 4.15 22.19 -6.05
CA GLN B 80 3.77 23.54 -5.67
C GLN B 80 3.90 23.73 -4.15
N LEU B 81 3.42 22.71 -3.45
CA LEU B 81 3.39 22.69 -2.01
C LEU B 81 4.76 22.79 -1.37
N PHE B 82 5.71 21.95 -1.76
CA PHE B 82 7.01 21.87 -1.10
C PHE B 82 8.16 22.38 -1.94
N GLY B 83 7.85 22.74 -3.18
CA GLY B 83 8.85 23.26 -4.10
C GLY B 83 9.87 22.24 -4.54
N ALA B 84 9.47 20.98 -4.66
CA ALA B 84 10.43 19.97 -5.11
C ALA B 84 10.55 20.07 -6.63
N GLU B 85 11.63 19.50 -7.14
CA GLU B 85 11.82 19.45 -8.60
C GLU B 85 11.05 18.25 -9.15
N HIS B 86 11.14 17.16 -8.38
CA HIS B 86 10.43 15.96 -8.75
C HIS B 86 9.66 15.38 -7.56
N ALA B 87 8.59 14.67 -7.87
CA ALA B 87 7.76 14.05 -6.87
C ALA B 87 7.23 12.70 -7.39
N ASN B 88 7.26 11.70 -6.53
CA ASN B 88 6.69 10.40 -6.77
C ASN B 88 5.55 10.23 -5.75
N VAL B 89 4.33 10.10 -6.23
CA VAL B 89 3.14 9.97 -5.41
C VAL B 89 2.59 8.56 -5.41
N GLN B 90 3.44 7.58 -5.75
CA GLN B 90 3.08 6.19 -5.78
C GLN B 90 3.33 5.37 -4.54
N PRO B 91 4.22 5.76 -3.66
CA PRO B 91 4.48 4.95 -2.48
C PRO B 91 3.18 4.62 -1.79
N HIS B 92 2.96 3.35 -1.46
CA HIS B 92 1.75 2.92 -0.79
C HIS B 92 1.75 3.40 0.67
N SER B 93 2.95 3.58 1.16
CA SER B 93 3.20 3.87 2.56
C SER B 93 4.31 4.88 2.73
N GLY B 94 4.62 5.22 3.96
CA GLY B 94 5.81 5.98 4.29
C GLY B 94 6.95 4.94 4.41
N ALA B 95 6.57 3.71 4.76
CA ALA B 95 7.53 2.60 4.83
C ALA B 95 8.10 2.33 3.44
N GLN B 96 7.21 2.19 2.45
CA GLN B 96 7.57 1.97 1.06
C GLN B 96 8.24 3.18 0.43
N ALA B 97 7.91 4.40 0.86
CA ALA B 97 8.66 5.56 0.35
C ALA B 97 10.13 5.40 0.74
N ASN B 98 10.35 5.19 2.05
CA ASN B 98 11.69 5.03 2.61
C ASN B 98 12.43 3.89 1.94
N MET B 99 11.77 2.75 1.82
CA MET B 99 12.32 1.59 1.14
C MET B 99 12.78 1.93 -0.27
N ALA B 100 11.99 2.64 -1.06
CA ALA B 100 12.40 3.00 -2.41
C ALA B 100 13.60 3.94 -2.38
N VAL B 101 13.67 4.88 -1.43
CA VAL B 101 14.92 5.68 -1.42
C VAL B 101 16.10 4.75 -1.17
N TYR B 102 16.01 3.89 -0.16
CA TYR B 102 17.12 3.03 0.21
C TYR B 102 17.50 2.11 -0.95
N PHE B 103 16.54 1.54 -1.64
CA PHE B 103 16.72 0.70 -2.80
C PHE B 103 17.43 1.38 -3.97
N THR B 104 17.30 2.69 -4.12
CA THR B 104 17.88 3.49 -5.16
C THR B 104 19.33 3.89 -4.86
N VAL B 105 19.62 4.26 -3.61
CA VAL B 105 20.95 4.79 -3.35
C VAL B 105 21.85 3.82 -2.61
N LEU B 106 21.25 2.87 -1.91
CA LEU B 106 22.07 1.94 -1.14
C LEU B 106 22.08 0.53 -1.73
N GLU B 107 23.24 -0.09 -1.50
CA GLU B 107 23.54 -1.47 -1.85
C GLU B 107 23.57 -2.29 -0.59
N HIS B 108 22.99 -3.50 -0.59
CA HIS B 108 22.92 -4.38 0.57
C HIS B 108 24.12 -4.25 1.49
N GLY B 109 23.92 -3.98 2.78
CA GLY B 109 25.02 -3.89 3.72
C GLY B 109 25.63 -2.52 3.88
N ASP B 110 25.31 -1.58 2.99
CA ASP B 110 25.84 -0.23 3.06
C ASP B 110 25.59 0.37 4.45
N THR B 111 26.45 1.31 4.83
CA THR B 111 26.32 1.94 6.15
C THR B 111 25.50 3.21 6.08
N VAL B 112 24.51 3.32 6.95
CA VAL B 112 23.61 4.47 6.96
C VAL B 112 23.52 5.04 8.38
N LEU B 113 23.53 6.36 8.45
CA LEU B 113 23.44 7.08 9.73
C LEU B 113 21.99 7.49 9.93
N GLY B 114 21.35 6.98 10.98
CA GLY B 114 19.93 7.30 11.21
C GLY B 114 19.67 7.59 12.67
N MET B 115 18.51 8.17 12.99
CA MET B 115 18.22 8.53 14.39
C MET B 115 17.83 7.26 15.14
N ASN B 116 18.22 7.16 16.41
CA ASN B 116 17.86 6.06 17.28
C ASN B 116 16.35 6.02 17.48
N LEU B 117 15.80 4.82 17.59
CA LEU B 117 14.37 4.61 17.75
C LEU B 117 13.86 5.14 19.07
N SER B 118 14.66 5.08 20.14
CA SER B 118 14.19 5.50 21.45
C SER B 118 14.39 6.99 21.69
N HIS B 119 15.27 7.66 20.95
CA HIS B 119 15.41 9.11 21.09
C HIS B 119 14.48 9.83 20.10
N GLY B 120 13.69 9.09 19.32
CA GLY B 120 12.78 9.69 18.38
C GLY B 120 12.70 9.12 16.98
N GLY B 121 13.73 8.49 16.45
CA GLY B 121 13.77 7.93 15.11
C GLY B 121 12.65 6.94 14.83
N HIS B 122 12.39 6.69 13.54
CA HIS B 122 11.33 5.78 13.15
C HIS B 122 11.84 4.36 12.90
N LEU B 123 10.97 3.37 12.97
CA LEU B 123 11.28 1.98 12.69
C LEU B 123 12.15 1.76 11.47
N THR B 124 11.79 2.42 10.37
CA THR B 124 12.51 2.32 9.12
C THR B 124 13.76 3.17 9.06
N HIS B 125 14.21 3.69 10.20
CA HIS B 125 15.41 4.50 10.23
C HIS B 125 16.54 3.75 10.94
N GLY B 126 16.48 2.42 10.85
CA GLY B 126 17.47 1.55 11.42
C GLY B 126 17.07 0.49 12.41
N SER B 127 15.82 0.23 12.75
CA SER B 127 15.55 -0.82 13.74
C SER B 127 15.98 -2.19 13.22
N PRO B 128 16.52 -3.03 14.10
CA PRO B 128 17.01 -4.34 13.75
C PRO B 128 15.94 -5.40 13.65
N VAL B 129 14.68 -5.03 13.73
CA VAL B 129 13.54 -5.92 13.56
C VAL B 129 12.74 -5.43 12.34
N ASN B 130 13.41 -4.59 11.58
CA ASN B 130 12.88 -3.95 10.40
C ASN B 130 13.81 -4.17 9.21
N PHE B 131 13.33 -4.15 7.97
CA PHE B 131 14.23 -4.36 6.82
C PHE B 131 15.37 -3.35 6.85
N SER B 132 15.08 -2.12 7.27
CA SER B 132 16.12 -1.09 7.26
C SER B 132 17.38 -1.62 7.95
N GLY B 133 17.28 -2.06 9.18
CA GLY B 133 18.34 -2.60 9.98
C GLY B 133 18.84 -3.99 9.61
N VAL B 134 18.03 -4.79 8.95
CA VAL B 134 18.42 -6.11 8.48
C VAL B 134 19.13 -6.01 7.13
N GLN B 135 18.74 -5.05 6.29
CA GLN B 135 19.30 -4.93 4.95
C GLN B 135 20.51 -4.04 4.86
N TYR B 136 20.69 -3.14 5.82
CA TYR B 136 21.77 -2.17 5.77
C TYR B 136 22.49 -2.09 7.11
N ASN B 137 23.66 -1.45 7.09
CA ASN B 137 24.42 -1.23 8.30
C ASN B 137 24.09 0.14 8.91
N PHE B 138 23.11 0.13 9.82
CA PHE B 138 22.64 1.33 10.45
C PHE B 138 23.38 1.64 11.76
N VAL B 139 24.00 2.81 11.78
CA VAL B 139 24.57 3.37 13.01
C VAL B 139 23.66 4.51 13.46
N ALA B 140 23.36 4.63 14.74
CA ALA B 140 22.47 5.65 15.25
C ALA B 140 23.10 6.87 15.89
N TYR B 141 22.49 8.05 15.69
CA TYR B 141 22.83 9.28 16.39
C TYR B 141 21.71 9.55 17.41
N GLY B 142 21.96 10.24 18.52
CA GLY B 142 20.92 10.45 19.51
C GLY B 142 20.69 11.86 19.98
N VAL B 143 19.93 12.00 21.08
CA VAL B 143 19.64 13.29 21.67
C VAL B 143 20.40 13.49 22.99
N ASP B 144 20.72 14.74 23.32
CA ASP B 144 21.37 15.04 24.59
C ASP B 144 20.56 14.36 25.68
N PRO B 145 21.21 13.79 26.68
CA PRO B 145 20.55 13.13 27.78
C PRO B 145 19.92 14.07 28.78
N GLU B 146 20.22 15.37 28.72
CA GLU B 146 19.68 16.36 29.62
C GLU B 146 18.62 17.19 28.89
N THR B 147 19.07 17.83 27.82
CA THR B 147 18.24 18.72 27.01
C THR B 147 17.43 18.03 25.95
N HIS B 148 17.60 16.73 25.70
CA HIS B 148 16.90 15.93 24.74
C HIS B 148 16.84 16.49 23.32
N VAL B 149 17.77 17.30 22.91
CA VAL B 149 17.88 17.89 21.60
C VAL B 149 18.92 17.11 20.79
N ILE B 150 18.69 16.95 19.48
CA ILE B 150 19.66 16.17 18.69
C ILE B 150 21.06 16.74 18.94
N ASP B 151 22.03 15.85 19.14
CA ASP B 151 23.41 16.32 19.30
C ASP B 151 24.07 16.32 17.93
N TYR B 152 24.15 17.50 17.31
CA TYR B 152 24.76 17.64 16.00
C TYR B 152 26.24 17.31 16.05
N ASP B 153 26.91 17.65 17.15
CA ASP B 153 28.32 17.28 17.34
C ASP B 153 28.45 15.76 17.29
N ASP B 154 27.52 15.07 17.92
CA ASP B 154 27.46 13.62 17.88
C ASP B 154 27.19 13.10 16.46
N VAL B 155 26.22 13.71 15.76
CA VAL B 155 25.93 13.34 14.39
C VAL B 155 27.19 13.38 13.53
N ARG B 156 27.88 14.52 13.59
CA ARG B 156 29.13 14.74 12.87
C ARG B 156 30.24 13.78 13.29
N GLU B 157 30.28 13.40 14.55
CA GLU B 157 31.31 12.47 15.03
C GLU B 157 31.13 11.10 14.36
N LYS B 158 29.95 10.52 14.52
CA LYS B 158 29.58 9.25 13.95
C LYS B 158 29.75 9.23 12.43
N ALA B 159 29.41 10.32 11.76
CA ALA B 159 29.54 10.41 10.31
C ALA B 159 30.99 10.17 9.88
N ARG B 160 31.92 10.82 10.58
CA ARG B 160 33.33 10.73 10.27
C ARG B 160 33.92 9.39 10.68
N LEU B 161 33.41 8.86 11.78
CA LEU B 161 33.84 7.55 12.24
C LEU B 161 33.37 6.49 11.25
N HIS B 162 32.08 6.50 10.95
CA HIS B 162 31.45 5.52 10.10
C HIS B 162 31.36 5.77 8.63
N ARG B 163 31.55 6.99 8.14
CA ARG B 163 31.49 7.34 6.73
C ARG B 163 30.40 6.65 5.93
N PRO B 164 29.14 6.83 6.30
CA PRO B 164 28.03 6.22 5.59
C PRO B 164 27.89 6.72 4.17
N LYS B 165 27.03 6.08 3.38
CA LYS B 165 26.75 6.54 2.01
C LYS B 165 25.52 7.44 2.05
N LEU B 166 24.78 7.31 3.14
CA LEU B 166 23.55 8.06 3.37
C LEU B 166 23.34 8.36 4.85
N ILE B 167 22.89 9.58 5.13
CA ILE B 167 22.50 10.01 6.45
C ILE B 167 20.99 10.30 6.48
N VAL B 168 20.27 9.66 7.40
CA VAL B 168 18.83 9.93 7.47
C VAL B 168 18.55 10.94 8.57
N ALA B 169 17.79 11.96 8.24
CA ALA B 169 17.37 12.94 9.24
C ALA B 169 15.84 12.92 9.36
N ALA B 170 15.38 12.89 10.60
CA ALA B 170 14.01 13.00 11.03
C ALA B 170 13.45 11.89 11.88
N ALA B 171 12.18 12.07 12.31
CA ALA B 171 11.65 11.19 13.34
C ALA B 171 10.17 11.02 13.52
N SER B 172 9.88 10.16 14.51
CA SER B 172 8.52 9.85 14.90
C SER B 172 8.13 10.49 16.22
N ALA B 173 9.10 10.78 17.09
CA ALA B 173 8.74 11.45 18.35
C ALA B 173 9.75 12.46 18.85
N TYR B 174 10.25 13.32 17.99
CA TYR B 174 11.13 14.44 18.39
C TYR B 174 10.29 15.71 18.33
N PRO B 175 10.15 16.41 19.44
CA PRO B 175 9.28 17.58 19.55
C PRO B 175 9.93 18.91 19.25
N ARG B 176 11.13 18.93 18.69
CA ARG B 176 11.83 20.15 18.36
C ARG B 176 12.18 20.17 16.87
N ILE B 177 12.36 21.39 16.39
CA ILE B 177 12.75 21.65 15.01
C ILE B 177 14.05 20.97 14.67
N ILE B 178 14.11 20.39 13.49
CA ILE B 178 15.33 19.73 13.01
C ILE B 178 16.10 20.69 12.11
N ASP B 179 17.39 20.87 12.41
CA ASP B 179 18.16 21.80 11.59
C ASP B 179 18.70 21.04 10.38
N PHE B 180 18.05 21.27 9.25
CA PHE B 180 18.41 20.59 8.01
C PHE B 180 19.69 21.11 7.42
N ALA B 181 19.99 22.39 7.68
CA ALA B 181 21.22 22.98 7.19
C ALA B 181 22.42 22.24 7.75
N LYS B 182 22.46 21.98 9.05
CA LYS B 182 23.58 21.28 9.66
C LYS B 182 23.69 19.85 9.15
N PHE B 183 22.56 19.18 8.95
CA PHE B 183 22.56 17.82 8.42
C PHE B 183 23.25 17.79 7.06
N ARG B 184 22.85 18.65 6.12
CA ARG B 184 23.45 18.71 4.80
C ARG B 184 24.91 19.12 4.85
N GLU B 185 25.28 19.95 5.81
CA GLU B 185 26.64 20.41 6.00
C GLU B 185 27.54 19.22 6.35
N ILE B 186 27.03 18.40 7.27
CA ILE B 186 27.66 17.20 7.74
C ILE B 186 27.71 16.15 6.64
N ALA B 187 26.58 15.93 5.96
CA ALA B 187 26.59 14.97 4.85
C ALA B 187 27.68 15.37 3.85
N ASP B 188 27.75 16.66 3.50
CA ASP B 188 28.74 17.14 2.57
C ASP B 188 30.16 16.96 3.05
N GLU B 189 30.41 17.10 4.34
CA GLU B 189 31.76 16.89 4.85
C GLU B 189 32.24 15.45 4.56
N VAL B 190 31.36 14.48 4.77
CA VAL B 190 31.64 13.07 4.66
C VAL B 190 31.16 12.43 3.37
N GLY B 191 30.90 13.23 2.35
CA GLY B 191 30.44 12.77 1.07
C GLY B 191 29.23 11.87 1.06
N ALA B 192 28.33 11.96 2.03
CA ALA B 192 27.15 11.12 2.07
C ALA B 192 25.94 11.81 1.44
N TYR B 193 24.91 11.00 1.22
CA TYR B 193 23.64 11.54 0.76
C TYR B 193 22.86 11.88 2.06
N LEU B 194 21.94 12.81 1.86
CA LEU B 194 21.06 13.21 2.93
C LEU B 194 19.62 12.96 2.48
N MET B 195 18.92 12.20 3.30
CA MET B 195 17.50 11.93 3.11
C MET B 195 16.81 12.44 4.39
N VAL B 196 15.74 13.18 4.19
CA VAL B 196 14.94 13.70 5.29
C VAL B 196 13.57 13.02 5.24
N ASP B 197 13.16 12.47 6.38
CA ASP B 197 11.81 11.87 6.43
C ASP B 197 10.91 12.89 7.12
N MET B 198 10.11 13.64 6.36
CA MET B 198 9.29 14.67 7.04
C MET B 198 7.88 14.21 7.30
N ALA B 199 7.62 12.92 7.28
CA ALA B 199 6.31 12.37 7.53
C ALA B 199 5.55 13.11 8.62
N HIS B 200 6.06 13.18 9.86
CA HIS B 200 5.35 13.87 10.90
C HIS B 200 5.07 15.33 10.65
N ILE B 201 6.02 16.07 10.09
CA ILE B 201 5.94 17.51 9.93
C ILE B 201 5.63 18.07 8.58
N ALA B 202 5.09 17.32 7.62
CA ALA B 202 4.79 17.85 6.30
C ALA B 202 3.84 19.03 6.30
N GLY B 203 2.69 18.92 6.97
CA GLY B 203 1.74 20.02 7.07
C GLY B 203 2.39 21.29 7.58
N LEU B 204 3.25 21.19 8.60
CA LEU B 204 3.93 22.37 9.11
C LEU B 204 4.88 23.00 8.12
N VAL B 205 5.61 22.15 7.38
CA VAL B 205 6.57 22.61 6.38
C VAL B 205 5.83 23.29 5.24
N ALA B 206 4.72 22.67 4.86
CA ALA B 206 3.82 23.17 3.85
C ALA B 206 3.27 24.54 4.21
N ALA B 207 3.06 24.75 5.49
CA ALA B 207 2.43 25.95 6.05
C ALA B 207 3.42 27.00 6.46
N GLY B 208 4.70 26.74 6.35
CA GLY B 208 5.73 27.71 6.68
C GLY B 208 6.04 27.70 8.16
N LEU B 209 5.70 26.61 8.84
CA LEU B 209 5.92 26.56 10.29
C LEU B 209 7.03 25.66 10.74
N HIS B 210 7.77 25.07 9.83
CA HIS B 210 8.94 24.25 10.10
C HIS B 210 9.86 24.44 8.89
N PRO B 211 11.12 24.71 9.09
CA PRO B 211 12.03 24.89 7.97
C PRO B 211 11.82 23.74 6.97
N ASN B 212 11.77 24.04 5.68
CA ASN B 212 11.59 23.05 4.63
C ASN B 212 12.91 22.33 4.34
N PRO B 213 12.90 21.01 4.28
CA PRO B 213 14.07 20.20 4.00
C PRO B 213 14.43 20.07 2.53
N VAL B 214 13.47 20.32 1.64
CA VAL B 214 13.66 20.20 0.20
C VAL B 214 14.90 20.85 -0.36
N PRO B 215 15.26 22.08 0.02
CA PRO B 215 16.47 22.72 -0.42
C PRO B 215 17.75 22.19 0.19
N TYR B 216 17.75 21.37 1.24
CA TYR B 216 18.97 20.84 1.81
C TYR B 216 19.19 19.36 1.53
N ALA B 217 18.14 18.61 1.28
CA ALA B 217 18.19 17.18 1.11
C ALA B 217 18.24 16.68 -0.32
N HIS B 218 19.01 15.62 -0.58
CA HIS B 218 18.99 15.01 -1.91
C HIS B 218 17.60 14.39 -2.12
N PHE B 219 17.12 13.70 -1.09
CA PHE B 219 15.81 13.05 -1.13
C PHE B 219 14.92 13.51 0.03
N VAL B 220 13.62 13.65 -0.18
CA VAL B 220 12.71 13.95 0.93
C VAL B 220 11.61 12.87 0.97
N THR B 221 11.42 12.13 2.06
CA THR B 221 10.28 11.20 2.07
C THR B 221 9.16 11.71 2.96
N THR B 222 7.91 11.34 2.72
CA THR B 222 6.85 11.77 3.61
C THR B 222 5.63 10.86 3.55
N THR B 223 4.78 10.94 4.58
CA THR B 223 3.51 10.23 4.51
C THR B 223 2.51 11.35 4.13
N THR B 224 1.32 10.98 3.69
CA THR B 224 0.37 12.03 3.31
C THR B 224 -0.72 12.21 4.35
N HIS B 225 -0.77 11.31 5.33
CA HIS B 225 -1.77 11.27 6.36
C HIS B 225 -1.43 11.82 7.73
N LYS B 226 -0.28 12.43 7.97
CA LYS B 226 -0.04 12.96 9.34
C LYS B 226 -0.43 14.42 9.35
N THR B 227 0.48 15.37 9.58
CA THR B 227 0.05 16.76 9.56
C THR B 227 -0.35 17.27 8.20
N LEU B 228 -0.12 16.53 7.12
CA LEU B 228 -0.52 16.86 5.78
C LEU B 228 -2.03 16.68 5.56
N ARG B 229 -2.65 15.82 6.36
CA ARG B 229 -4.07 15.62 6.40
C ARG B 229 -4.69 15.04 5.14
N GLY B 230 -3.92 14.14 4.51
CA GLY B 230 -4.33 13.41 3.33
C GLY B 230 -4.60 11.96 3.67
N PRO B 231 -4.86 11.15 2.65
CA PRO B 231 -5.11 9.74 2.85
C PRO B 231 -3.85 8.98 3.28
N ARG B 232 -4.08 7.71 3.65
CA ARG B 232 -2.97 6.88 4.10
C ARG B 232 -2.08 6.44 2.94
N GLY B 233 -0.84 6.92 2.90
CA GLY B 233 0.08 6.53 1.84
C GLY B 233 1.38 7.34 1.93
N GLY B 234 2.28 7.15 0.97
CA GLY B 234 3.56 7.87 1.02
C GLY B 234 3.88 8.69 -0.21
N MET B 235 5.04 9.34 -0.21
CA MET B 235 5.43 10.18 -1.35
C MET B 235 6.92 10.48 -1.30
N ILE B 236 7.56 10.50 -2.47
CA ILE B 236 8.98 10.85 -2.49
C ILE B 236 9.15 12.18 -3.23
N LEU B 237 10.00 13.02 -2.71
CA LEU B 237 10.32 14.32 -3.27
C LEU B 237 11.82 14.32 -3.59
N CYS B 238 12.27 14.83 -4.74
CA CYS B 238 13.70 14.81 -4.98
C CYS B 238 14.14 15.73 -6.12
N GLN B 239 15.47 15.83 -6.25
CA GLN B 239 16.03 16.68 -7.30
C GLN B 239 15.99 15.92 -8.62
N GLU B 240 15.83 16.64 -9.74
CA GLU B 240 15.69 16.05 -11.05
C GLU B 240 16.76 15.01 -11.32
N GLN B 241 18.00 15.33 -10.99
CA GLN B 241 19.17 14.51 -10.99
C GLN B 241 19.01 13.09 -10.46
N PHE B 242 17.96 12.76 -9.73
CA PHE B 242 17.66 11.48 -9.15
C PHE B 242 16.28 10.94 -9.54
N ALA B 243 15.47 11.76 -10.17
CA ALA B 243 14.10 11.42 -10.49
C ALA B 243 13.91 10.07 -11.16
N LYS B 244 14.62 9.85 -12.26
CA LYS B 244 14.48 8.61 -13.02
C LYS B 244 14.85 7.44 -12.13
N GLN B 245 15.93 7.59 -11.37
CA GLN B 245 16.35 6.49 -10.50
C GLN B 245 15.32 6.26 -9.41
N ILE B 246 14.69 7.33 -8.92
CA ILE B 246 13.64 7.22 -7.91
C ILE B 246 12.39 6.55 -8.47
N ASP B 247 11.96 6.92 -9.68
CA ASP B 247 10.76 6.36 -10.28
C ASP B 247 10.90 4.86 -10.56
N LYS B 248 12.07 4.44 -11.01
CA LYS B 248 12.39 3.05 -11.29
C LYS B 248 12.43 2.23 -10.00
N ALA B 249 12.89 2.80 -8.89
CA ALA B 249 12.89 2.13 -7.60
C ALA B 249 11.47 1.80 -7.13
N ILE B 250 10.56 2.76 -7.36
CA ILE B 250 9.15 2.52 -7.01
C ILE B 250 8.57 1.49 -7.96
N PHE B 251 8.84 1.61 -9.26
CA PHE B 251 8.36 0.63 -10.20
C PHE B 251 9.18 0.42 -11.46
N PRO B 252 9.92 -0.67 -11.58
CA PRO B 252 9.47 -2.02 -11.33
C PRO B 252 10.13 -2.54 -10.04
N GLY B 253 10.82 -1.70 -9.30
CA GLY B 253 11.58 -2.04 -8.14
C GLY B 253 10.91 -2.65 -6.94
N ILE B 254 10.17 -1.85 -6.17
CA ILE B 254 9.61 -2.33 -4.93
C ILE B 254 8.11 -2.47 -4.96
N GLN B 255 7.41 -1.79 -5.86
CA GLN B 255 5.94 -1.96 -5.87
C GLN B 255 5.47 -2.56 -7.19
N GLY B 256 4.16 -2.70 -7.29
CA GLY B 256 3.50 -3.18 -8.51
C GLY B 256 2.73 -1.96 -9.08
N GLY B 257 1.44 -2.14 -9.28
CA GLY B 257 0.60 -1.03 -9.72
C GLY B 257 0.29 -0.14 -8.51
N PRO B 258 0.16 1.16 -8.77
CA PRO B 258 -0.15 2.11 -7.74
C PRO B 258 -1.60 2.02 -7.31
N LEU B 259 -1.92 2.69 -6.22
CA LEU B 259 -3.30 2.82 -5.75
C LEU B 259 -3.82 4.15 -6.31
N MET B 260 -4.33 4.10 -7.54
CA MET B 260 -4.80 5.28 -8.26
C MET B 260 -5.89 6.01 -7.50
N HIS B 261 -6.78 5.28 -6.87
CA HIS B 261 -7.81 5.86 -6.00
C HIS B 261 -7.17 6.62 -4.84
N VAL B 262 -6.09 6.10 -4.26
CA VAL B 262 -5.38 6.77 -3.19
C VAL B 262 -4.56 7.95 -3.72
N ILE B 263 -4.06 7.88 -4.95
CA ILE B 263 -3.35 9.03 -5.54
C ILE B 263 -4.35 10.16 -5.81
N ALA B 264 -5.61 9.81 -6.12
CA ALA B 264 -6.62 10.85 -6.31
C ALA B 264 -6.87 11.63 -5.03
N ALA B 265 -6.95 10.92 -3.90
CA ALA B 265 -7.14 11.57 -2.60
C ALA B 265 -5.91 12.35 -2.17
N LYS B 266 -4.70 11.94 -2.59
CA LYS B 266 -3.50 12.68 -2.25
C LYS B 266 -3.56 14.05 -2.94
N ALA B 267 -3.97 14.06 -4.21
CA ALA B 267 -4.09 15.30 -4.98
C ALA B 267 -5.12 16.23 -4.35
N VAL B 268 -6.20 15.63 -3.82
CA VAL B 268 -7.22 16.40 -3.13
C VAL B 268 -6.63 17.04 -1.88
N ALA B 269 -5.84 16.26 -1.14
CA ALA B 269 -5.27 16.75 0.12
C ALA B 269 -4.22 17.82 -0.10
N PHE B 270 -3.49 17.71 -1.21
CA PHE B 270 -2.48 18.71 -1.55
C PHE B 270 -3.16 20.01 -1.97
N GLY B 271 -4.33 19.90 -2.61
CA GLY B 271 -5.11 21.07 -3.01
C GLY B 271 -5.60 21.82 -1.77
N GLU B 272 -6.08 21.03 -0.81
CA GLU B 272 -6.47 21.54 0.48
C GLU B 272 -5.30 22.17 1.22
N ALA B 273 -4.10 21.62 1.15
CA ALA B 273 -2.97 22.23 1.87
C ALA B 273 -2.49 23.49 1.17
N LEU B 274 -2.74 23.59 -0.14
CA LEU B 274 -2.41 24.73 -0.96
C LEU B 274 -3.28 25.96 -0.70
N GLN B 275 -4.47 25.73 -0.17
CA GLN B 275 -5.39 26.79 0.22
C GLN B 275 -4.82 27.56 1.42
N ASP B 276 -5.33 28.72 1.67
CA ASP B 276 -4.92 29.73 2.62
C ASP B 276 -5.26 29.43 4.08
N ASP B 277 -6.29 28.65 4.24
CA ASP B 277 -6.93 28.15 5.41
C ASP B 277 -6.04 27.13 6.15
N PHE B 278 -5.29 26.38 5.35
CA PHE B 278 -4.43 25.34 5.86
C PHE B 278 -3.28 25.91 6.71
N LYS B 279 -2.83 27.10 6.34
CA LYS B 279 -1.80 27.82 7.06
C LYS B 279 -2.35 28.32 8.39
N ALA B 280 -3.61 28.76 8.39
CA ALA B 280 -4.27 29.13 9.64
C ALA B 280 -4.31 27.91 10.55
N TYR B 281 -4.76 26.79 10.01
CA TYR B 281 -4.89 25.52 10.69
C TYR B 281 -3.60 25.05 11.35
N ALA B 282 -2.55 24.92 10.57
CA ALA B 282 -1.25 24.46 11.04
C ALA B 282 -0.65 25.37 12.10
N LYS B 283 -0.89 26.68 11.97
CA LYS B 283 -0.48 27.65 12.99
C LYS B 283 -1.19 27.31 14.31
N ARG B 284 -2.49 27.04 14.23
CA ARG B 284 -3.23 26.61 15.41
C ARG B 284 -2.72 25.26 15.92
N VAL B 285 -2.32 24.37 15.01
CA VAL B 285 -1.86 23.05 15.43
C VAL B 285 -0.71 23.21 16.42
N VAL B 286 0.32 23.92 15.98
CA VAL B 286 1.49 24.19 16.80
C VAL B 286 1.18 25.00 18.05
N ASP B 287 0.31 25.99 17.96
CA ASP B 287 -0.07 26.81 19.12
C ASP B 287 -0.76 25.94 20.15
N ASN B 288 -1.61 25.04 19.69
CA ASN B 288 -2.31 24.06 20.51
C ASN B 288 -1.30 23.11 21.15
N ALA B 289 -0.24 22.73 20.42
CA ALA B 289 0.76 21.86 21.03
C ALA B 289 1.53 22.62 22.10
N LYS B 290 1.78 23.91 21.86
CA LYS B 290 2.48 24.77 22.80
C LYS B 290 1.68 24.94 24.09
N ARG B 291 0.40 25.22 23.93
CA ARG B 291 -0.53 25.40 25.04
C ARG B 291 -0.76 24.11 25.82
N LEU B 292 -0.84 22.97 25.14
CA LEU B 292 -1.10 21.70 25.81
C LEU B 292 0.17 21.26 26.53
N ALA B 293 1.33 21.57 25.94
CA ALA B 293 2.59 21.25 26.61
C ALA B 293 2.65 21.99 27.94
N SER B 294 2.50 23.31 27.89
CA SER B 294 2.51 24.14 29.07
C SER B 294 1.42 23.73 30.06
N ALA B 295 0.23 23.44 29.52
CA ALA B 295 -0.86 22.99 30.38
C ALA B 295 -0.44 21.72 31.11
N LEU B 296 0.15 20.78 30.38
CA LEU B 296 0.61 19.52 30.94
C LEU B 296 1.63 19.70 32.05
N GLN B 297 2.57 20.61 31.81
CA GLN B 297 3.60 20.90 32.81
C GLN B 297 3.00 21.57 34.04
N ASN B 298 1.89 22.29 33.90
CA ASN B 298 1.22 22.89 35.05
C ASN B 298 0.60 21.86 35.98
N GLU B 299 0.30 20.66 35.50
CA GLU B 299 -0.28 19.60 36.29
C GLU B 299 0.80 18.67 36.86
N GLY B 300 2.07 18.99 36.65
CA GLY B 300 3.15 18.19 37.20
C GLY B 300 3.91 17.30 36.24
N PHE B 301 3.44 17.21 35.01
CA PHE B 301 4.05 16.32 34.04
C PHE B 301 5.36 16.83 33.46
N THR B 302 6.33 15.94 33.42
CA THR B 302 7.63 16.23 32.82
C THR B 302 7.55 15.94 31.32
N LEU B 303 8.06 16.86 30.49
CA LEU B 303 8.00 16.62 29.05
C LEU B 303 9.36 16.35 28.44
N VAL B 304 9.48 15.35 27.55
CA VAL B 304 10.80 15.13 26.92
C VAL B 304 11.16 16.39 26.13
N SER B 305 12.33 16.93 26.36
CA SER B 305 12.89 18.13 25.79
C SER B 305 12.39 19.45 26.36
N GLY B 306 11.46 19.48 27.29
CA GLY B 306 10.99 20.68 27.93
C GLY B 306 9.74 21.35 27.40
N GLY B 307 9.24 20.93 26.27
CA GLY B 307 8.06 21.46 25.61
C GLY B 307 8.02 20.92 24.17
N THR B 308 7.40 21.67 23.28
CA THR B 308 7.37 21.27 21.88
C THR B 308 7.51 22.47 20.96
N ASP B 309 8.12 22.29 19.80
CA ASP B 309 8.21 23.32 18.79
C ASP B 309 7.28 22.95 17.63
N ASN B 310 6.68 21.76 17.67
CA ASN B 310 5.83 21.33 16.58
C ASN B 310 4.43 20.95 16.99
N HIS B 311 3.92 19.84 16.46
CA HIS B 311 2.58 19.35 16.69
C HIS B 311 2.55 18.27 17.76
N LEU B 312 3.74 17.91 18.23
CA LEU B 312 3.91 16.75 19.09
C LEU B 312 4.50 17.03 20.44
N LEU B 313 4.21 16.18 21.42
CA LEU B 313 4.83 16.29 22.74
C LEU B 313 4.90 14.90 23.37
N LEU B 314 5.93 14.67 24.15
CA LEU B 314 6.24 13.43 24.80
C LEU B 314 6.27 13.55 26.32
N VAL B 315 5.43 12.76 26.99
CA VAL B 315 5.44 12.79 28.44
C VAL B 315 6.36 11.72 29.05
N ASP B 316 7.34 12.12 29.83
CA ASP B 316 8.15 11.14 30.58
C ASP B 316 7.35 10.83 31.86
N LEU B 317 6.77 9.64 31.90
CA LEU B 317 5.87 9.25 32.98
C LEU B 317 6.53 8.66 34.20
N ARG B 318 7.87 8.66 34.21
CA ARG B 318 8.64 8.15 35.33
C ARG B 318 8.34 8.83 36.64
N PRO B 319 8.36 10.16 36.69
CA PRO B 319 8.04 10.91 37.88
C PRO B 319 6.74 10.45 38.53
N GLN B 320 5.67 10.19 37.78
CA GLN B 320 4.41 9.73 38.32
C GLN B 320 4.30 8.21 38.34
N GLN B 321 5.44 7.52 38.38
CA GLN B 321 5.44 6.08 38.49
C GLN B 321 4.43 5.33 37.65
N LEU B 322 4.40 5.53 36.34
CA LEU B 322 3.52 4.75 35.47
C LEU B 322 4.29 4.32 34.21
N THR B 323 3.88 3.22 33.59
CA THR B 323 4.47 2.83 32.32
C THR B 323 3.66 3.50 31.20
N GLY B 324 4.25 3.53 30.01
CA GLY B 324 3.55 4.11 28.85
C GLY B 324 2.29 3.28 28.58
N LYS B 325 2.46 1.98 28.72
CA LYS B 325 1.39 1.01 28.47
C LYS B 325 0.26 1.21 29.45
N THR B 326 0.58 1.46 30.73
CA THR B 326 -0.48 1.70 31.72
C THR B 326 -1.23 3.00 31.45
N ALA B 327 -0.52 4.11 31.22
CA ALA B 327 -1.17 5.39 30.96
C ALA B 327 -2.19 5.31 29.82
N GLU B 328 -1.75 4.72 28.72
CA GLU B 328 -2.56 4.52 27.54
C GLU B 328 -3.85 3.77 27.84
N LYS B 329 -3.76 2.63 28.52
CA LYS B 329 -4.95 1.88 28.88
C LYS B 329 -5.90 2.70 29.75
N VAL B 330 -5.39 3.40 30.76
CA VAL B 330 -6.29 4.17 31.63
C VAL B 330 -6.96 5.28 30.85
N LEU B 331 -6.19 6.05 30.08
CA LEU B 331 -6.73 7.09 29.21
C LEU B 331 -7.72 6.50 28.23
N ASP B 332 -7.57 5.26 27.74
CA ASP B 332 -8.60 4.69 26.89
C ASP B 332 -9.91 4.45 27.67
N GLU B 333 -9.79 4.18 28.96
CA GLU B 333 -10.96 3.99 29.80
C GLU B 333 -11.83 5.23 29.92
N VAL B 334 -11.26 6.44 29.90
CA VAL B 334 -12.08 7.64 30.00
C VAL B 334 -12.39 8.29 28.66
N GLY B 335 -11.89 7.73 27.56
CA GLY B 335 -12.20 8.27 26.24
C GLY B 335 -11.12 9.18 25.68
N ILE B 336 -9.87 9.02 26.12
CA ILE B 336 -8.76 9.79 25.61
C ILE B 336 -7.75 8.87 24.96
N THR B 337 -7.65 8.92 23.64
CA THR B 337 -6.75 8.07 22.89
C THR B 337 -5.36 8.63 22.62
N VAL B 338 -4.35 8.00 23.20
CA VAL B 338 -2.96 8.33 22.98
C VAL B 338 -2.21 7.06 22.57
N ASN B 339 -0.88 7.12 22.59
CA ASN B 339 -0.13 5.91 22.31
C ASN B 339 1.08 5.88 23.25
N LYS B 340 1.31 4.71 23.83
CA LYS B 340 2.53 4.54 24.62
C LYS B 340 3.69 4.89 23.67
N ASN B 341 4.74 5.48 24.17
CA ASN B 341 5.90 5.77 23.31
C ASN B 341 7.17 5.67 24.18
N THR B 342 8.20 5.04 23.63
CA THR B 342 9.46 5.01 24.36
C THR B 342 9.94 6.45 24.48
N ILE B 343 10.88 6.68 25.38
CA ILE B 343 11.44 8.03 25.59
C ILE B 343 12.94 7.80 25.53
N PRO B 344 13.73 8.81 25.23
CA PRO B 344 15.18 8.62 25.13
C PRO B 344 15.71 7.91 26.35
N TYR B 345 16.61 6.94 26.17
CA TYR B 345 17.24 6.28 27.33
C TYR B 345 16.18 5.63 28.20
N ASP B 346 15.21 4.99 27.56
CA ASP B 346 14.13 4.34 28.27
C ASP B 346 14.61 3.05 28.91
N PRO B 347 14.31 2.82 30.18
CA PRO B 347 14.61 1.58 30.86
C PRO B 347 13.64 0.47 30.48
N GLU B 348 12.55 0.80 29.77
CA GLU B 348 11.53 -0.16 29.40
C GLU B 348 11.56 -0.52 27.91
N SER B 349 10.97 -1.67 27.57
CA SER B 349 11.03 -2.09 26.16
C SER B 349 9.92 -1.41 25.38
N PRO B 350 10.00 -1.38 24.06
CA PRO B 350 9.06 -0.74 23.18
C PRO B 350 7.60 -1.12 23.25
N PHE B 351 7.19 -2.09 24.06
CA PHE B 351 5.76 -2.43 24.18
C PHE B 351 5.25 -2.11 25.59
N VAL B 352 6.11 -1.64 26.47
CA VAL B 352 5.72 -1.22 27.82
C VAL B 352 5.85 0.31 27.89
N THR B 353 7.06 0.79 27.73
CA THR B 353 7.51 2.14 27.68
C THR B 353 7.29 2.95 28.94
N SER B 354 7.93 4.13 28.99
CA SER B 354 7.83 5.02 30.15
C SER B 354 7.32 6.39 29.69
N GLY B 355 6.46 6.38 28.67
CA GLY B 355 6.02 7.66 28.14
C GLY B 355 4.81 7.55 27.24
N ILE B 356 4.20 8.70 27.00
CA ILE B 356 3.07 8.82 26.10
C ILE B 356 3.35 9.95 25.11
N ARG B 357 2.93 9.72 23.87
CA ARG B 357 3.15 10.74 22.85
C ARG B 357 1.79 11.36 22.55
N ILE B 358 1.77 12.68 22.48
CA ILE B 358 0.53 13.41 22.26
C ILE B 358 0.74 14.41 21.13
N GLY B 359 -0.23 14.50 20.25
CA GLY B 359 -0.21 15.46 19.16
C GLY B 359 -1.57 16.14 19.02
N THR B 360 -1.53 17.38 18.51
CA THR B 360 -2.75 18.15 18.35
C THR B 360 -3.29 18.27 16.95
N ALA B 361 -2.76 17.64 15.93
CA ALA B 361 -3.28 17.75 14.58
C ALA B 361 -4.76 17.43 14.46
N ALA B 362 -5.25 16.27 14.85
CA ALA B 362 -6.64 15.88 14.71
C ALA B 362 -7.65 16.66 15.53
N VAL B 363 -7.32 17.01 16.77
CA VAL B 363 -8.27 17.73 17.62
C VAL B 363 -8.41 19.16 17.12
N THR B 364 -7.33 19.70 16.57
CA THR B 364 -7.39 21.04 15.98
C THR B 364 -8.29 20.97 14.75
N THR B 365 -8.16 19.90 13.98
CA THR B 365 -9.01 19.66 12.82
C THR B 365 -10.48 19.68 13.19
N ARG B 366 -10.82 19.10 14.34
CA ARG B 366 -12.20 19.05 14.82
C ARG B 366 -12.60 20.32 15.57
N GLY B 367 -11.78 21.34 15.56
CA GLY B 367 -11.96 22.65 16.05
C GLY B 367 -11.50 23.00 17.44
N PHE B 368 -10.81 22.14 18.14
CA PHE B 368 -10.39 22.48 19.51
C PHE B 368 -9.37 23.60 19.54
N GLY B 369 -9.41 24.43 20.57
CA GLY B 369 -8.44 25.51 20.71
C GLY B 369 -7.76 25.50 22.07
N LEU B 370 -7.14 26.62 22.39
CA LEU B 370 -6.41 26.84 23.60
C LEU B 370 -7.13 26.43 24.87
N GLU B 371 -8.41 26.77 25.00
CA GLU B 371 -9.15 26.43 26.21
C GLU B 371 -9.48 24.96 26.34
N GLU B 372 -9.64 24.24 25.23
CA GLU B 372 -9.88 22.80 25.23
C GLU B 372 -8.56 22.08 25.60
N MET B 373 -7.44 22.71 25.22
CA MET B 373 -6.12 22.20 25.55
C MET B 373 -5.88 22.29 27.05
N ASP B 374 -6.33 23.37 27.70
CA ASP B 374 -6.24 23.48 29.15
C ASP B 374 -7.09 22.40 29.83
N GLU B 375 -8.29 22.18 29.29
CA GLU B 375 -9.15 21.12 29.79
C GLU B 375 -8.49 19.76 29.60
N ILE B 376 -8.03 19.43 28.40
CA ILE B 376 -7.39 18.16 28.13
C ILE B 376 -6.28 17.83 29.12
N ALA B 377 -5.39 18.78 29.39
CA ALA B 377 -4.32 18.55 30.34
C ALA B 377 -4.88 18.38 31.74
N ALA B 378 -5.96 19.09 32.04
CA ALA B 378 -6.61 18.96 33.35
C ALA B 378 -7.21 17.57 33.49
N ILE B 379 -7.89 17.11 32.44
CA ILE B 379 -8.43 15.76 32.42
C ILE B 379 -7.32 14.72 32.48
N ILE B 380 -6.19 15.01 31.83
CA ILE B 380 -5.06 14.09 31.85
C ILE B 380 -4.41 14.10 33.22
N GLY B 381 -4.33 15.26 33.88
CA GLY B 381 -3.74 15.32 35.22
C GLY B 381 -4.64 14.54 36.19
N LEU B 382 -5.95 14.84 36.13
CA LEU B 382 -6.90 14.18 36.98
C LEU B 382 -6.74 12.65 36.95
N VAL B 383 -6.75 12.13 35.73
CA VAL B 383 -6.62 10.70 35.53
C VAL B 383 -5.29 10.10 35.91
N LEU B 384 -4.15 10.53 35.38
CA LEU B 384 -2.89 9.84 35.65
C LEU B 384 -2.36 9.97 37.06
N LYS B 385 -2.95 10.84 37.87
CA LYS B 385 -2.56 11.03 39.26
C LYS B 385 -3.60 10.44 40.19
N ASN B 386 -4.62 9.80 39.63
CA ASN B 386 -5.68 9.12 40.37
C ASN B 386 -6.09 7.86 39.59
N VAL B 387 -5.13 6.96 39.36
CA VAL B 387 -5.40 5.79 38.54
C VAL B 387 -6.26 4.77 39.26
N GLY B 388 -6.16 4.66 40.58
CA GLY B 388 -6.99 3.72 41.31
C GLY B 388 -8.39 4.24 41.60
N SER B 389 -8.61 5.54 41.50
CA SER B 389 -9.86 6.20 41.82
C SER B 389 -10.97 6.14 40.80
N GLU B 390 -11.87 5.15 40.92
CA GLU B 390 -13.03 5.04 40.06
C GLU B 390 -13.86 6.32 39.99
N GLN B 391 -13.94 7.07 41.08
CA GLN B 391 -14.62 8.36 41.08
C GLN B 391 -13.88 9.36 40.21
N ALA B 392 -12.56 9.25 40.09
CA ALA B 392 -11.80 10.15 39.24
C ALA B 392 -12.04 9.82 37.77
N LEU B 393 -12.19 8.52 37.47
CA LEU B 393 -12.42 8.06 36.12
C LEU B 393 -13.77 8.52 35.58
N GLU B 394 -14.83 8.41 36.38
CA GLU B 394 -16.15 8.85 35.93
C GLU B 394 -16.20 10.35 35.69
N GLU B 395 -15.50 11.12 36.52
CA GLU B 395 -15.47 12.57 36.34
C GLU B 395 -14.81 12.89 35.00
N ALA B 396 -13.65 12.28 34.79
CA ALA B 396 -12.91 12.38 33.54
C ALA B 396 -13.82 12.10 32.35
N ARG B 397 -14.56 11.00 32.38
CA ARG B 397 -15.46 10.66 31.30
C ARG B 397 -16.40 11.80 30.95
N GLN B 398 -17.01 12.41 31.95
CA GLN B 398 -17.97 13.48 31.77
C GLN B 398 -17.36 14.72 31.13
N ARG B 399 -16.14 15.06 31.54
CA ARG B 399 -15.41 16.20 31.00
C ARG B 399 -15.03 15.91 29.57
N VAL B 400 -14.66 14.65 29.27
CA VAL B 400 -14.43 14.23 27.91
C VAL B 400 -15.73 14.41 27.13
N ALA B 401 -16.82 13.81 27.64
CA ALA B 401 -18.10 13.90 26.93
C ALA B 401 -18.53 15.35 26.74
N ALA B 402 -18.25 16.24 27.70
CA ALA B 402 -18.58 17.64 27.53
C ALA B 402 -17.76 18.26 26.40
N LEU B 403 -16.50 17.83 26.27
CA LEU B 403 -15.62 18.32 25.22
C LEU B 403 -16.01 17.77 23.85
N THR B 404 -16.40 16.50 23.73
CA THR B 404 -16.70 15.96 22.41
C THR B 404 -18.18 15.96 22.11
N ASP B 405 -18.99 16.36 23.07
CA ASP B 405 -20.45 16.49 22.87
C ASP B 405 -21.16 15.18 23.13
N1 PLP C . 1.51 -11.63 -8.33
C2 PLP C . 0.98 -11.94 -9.52
C2A PLP C . 1.03 -13.35 -9.99
C3 PLP C . 0.39 -10.83 -10.24
O3 PLP C . -0.16 -11.11 -11.41
C4 PLP C . 0.42 -9.52 -9.64
C4A PLP C . -0.18 -8.44 -10.42
C5 PLP C . 0.99 -9.28 -8.38
C6 PLP C . 1.56 -10.40 -7.72
C5A PLP C . 1.18 -8.03 -7.60
O4P PLP C . 0.17 -7.11 -7.34
P PLP C . 0.17 -5.61 -7.00
O1P PLP C . 1.48 -5.41 -6.30
O2P PLP C . 0.10 -4.90 -8.39
O3P PLP C . -1.04 -5.21 -6.24
N GLY D . -0.07 -8.38 -11.75
CA GLY D . -0.39 -7.29 -12.65
C GLY D . -0.97 -7.84 -13.94
O GLY D . -1.10 -9.07 -14.04
OXT GLY D . -1.33 -7.05 -14.84
N1 FON E . 3.16 -10.36 -18.11
C2 FON E . 4.00 -11.29 -17.60
NA2 FON E . 4.46 -12.42 -18.10
N3 FON E . 4.47 -10.99 -16.31
C4 FON E . 4.15 -9.87 -15.55
O4 FON E . 4.64 -9.69 -14.39
C4A FON E . 3.22 -8.91 -16.19
N5 FON E . 2.78 -7.71 -15.47
C6 FON E . 1.98 -6.77 -16.22
C7 FON E . 1.48 -7.26 -17.49
N8 FON E . 1.89 -8.37 -18.15
C8A FON E . 2.76 -9.21 -17.45
C9 FON E . 2.97 -5.63 -16.78
N10 FON E . 4.31 -5.71 -16.11
C11 FON E . 8.09 -4.41 -17.01
C12 FON E . 7.21 -3.52 -16.34
C13 FON E . 5.89 -3.88 -16.20
C14 FON E . 5.54 -5.16 -16.79
C15 FON E . 6.32 -6.05 -17.43
C16 FON E . 7.66 -5.62 -17.53
C FON E . 9.60 -4.18 -17.03
O FON E . 10.35 -5.14 -17.31
N FON E . 10.07 -2.96 -17.30
CA FON E . 11.42 -2.49 -16.88
CT FON E . 11.53 -1.00 -16.78
O1 FON E . 10.52 -0.26 -16.74
O2 FON E . 12.63 -0.55 -16.35
CP1 FON E . 3.36 -7.58 -14.25
O3 FON E . 3.14 -6.62 -13.49
N1 PLP F . 8.44 8.06 8.64
C2 PLP F . 8.17 8.54 9.88
C2A PLP F . 9.13 9.52 10.43
C3 PLP F . 7.00 8.04 10.53
O3 PLP F . 6.63 8.44 11.73
C4 PLP F . 6.19 7.05 9.82
C4A PLP F . 5.01 6.57 10.52
C5 PLP F . 6.53 6.60 8.55
C6 PLP F . 7.71 7.13 7.96
C5A PLP F . 5.85 5.61 7.70
O4P PLP F . 4.45 5.54 7.70
P PLP F . 3.49 4.44 7.30
O1P PLP F . 4.32 3.33 6.75
O2P PLP F . 2.74 4.08 8.63
O3P PLP F . 2.45 4.94 6.33
N GLY G . 4.80 6.94 11.82
CA GLY G . 4.17 6.05 12.79
C GLY G . 3.86 6.87 14.02
O GLY G . 4.66 7.77 14.31
OXT GLY G . 2.71 6.81 14.49
N1 FON H . 8.07 6.26 18.08
C2 FON H . 9.33 6.39 17.61
NA2 FON H . 10.36 7.04 18.07
N3 FON H . 9.57 5.73 16.39
C4 FON H . 8.67 4.97 15.67
O4 FON H . 8.94 4.37 14.59
C4A FON H . 7.30 4.87 16.26
N5 FON H . 6.26 4.12 15.57
C6 FON H . 5.01 3.95 16.27
C7 FON H . 4.87 4.81 17.43
N8 FON H . 5.84 5.50 18.06
C8A FON H . 7.08 5.53 17.44
C9 FON H . 5.08 2.55 17.07
N10 FON H . 5.95 1.52 16.48
C11 FON H . 8.36 -1.54 17.75
C12 FON H . 7.21 -1.88 17.01
C13 FON H . 6.35 -0.87 16.66
C14 FON H . 6.74 0.45 17.10
C15 FON H . 7.82 0.82 17.81
C16 FON H . 8.67 -0.25 18.15
C FON H . 9.48 -2.57 18.00
O FON H . 10.65 -2.21 18.26
N FON H . 9.13 -3.79 18.48
CA FON H . 10.21 -4.75 18.86
CB FON H . 10.23 -4.93 20.41
CG FON H . 8.79 -4.73 21.17
CD FON H . 8.20 -5.70 22.24
OE1 FON H . 8.29 -5.24 23.41
OE2 FON H . 7.20 -6.51 21.84
CT FON H . 9.89 -6.10 18.28
O1 FON H . 8.84 -6.26 17.64
O2 FON H . 10.50 -7.09 18.74
CP1 FON H . 6.66 3.51 14.40
O3 FON H . 5.77 2.85 13.81
#